data_4GTR
#
_entry.id   4GTR
#
_cell.length_a   172.275
_cell.length_b   172.275
_cell.length_c   69.607
_cell.angle_alpha   90.00
_cell.angle_beta   90.00
_cell.angle_gamma   120.00
#
_symmetry.space_group_name_H-M   'P 61'
#
loop_
_entity.id
_entity.type
_entity.pdbx_description
1 polymer 'Protein farnesyltransferase/geranylgeranyltransferase type-1 subunit alpha'
2 polymer 'Protein farnesyltransferase subunit beta'
3 non-polymer 'DIMETHYL SULFOXIDE'
4 non-polymer 'ZINC ION'
5 non-polymer '4-({(3R)-7-cyano-4-[(4-methoxyphenyl)sulfonyl]-1-[(1-methyl-1H-imidazol-5-yl)methyl]-2,3,4,5-tetrahydro-1H-1,4-benzodiazepin-3-yl}methyl)phenyl diethylcarbamate'
6 non-polymer 'FARNESYL DIPHOSPHATE'
7 water water
#
loop_
_entity_poly.entity_id
_entity_poly.type
_entity_poly.pdbx_seq_one_letter_code
_entity_poly.pdbx_strand_id
1 'polypeptide(L)'
;MAATEGVGESAPGGEPGQPEQPPPPPPPPPAQQPQEEEMAAEAGEAAASPMDDGFLSLDSPTYVLYRDRAEWADIDPVPQ
NDGPSPVVQIIYSEKFRDVYDYFRAVLQRDERSERAFKLTRDAIELNAANYTVWHFRRVLLRSLQKDLQEEMNYIIAIIE
EQPKNYQVWHHRRVLVEWLKDPSQELEFIADILNQDAKNYHAWQHRQWVIQEFRLWDNELQYVDQLLKEDVRNNSVWNQR
HFVISNTTGYSDRAVLEREVQYTLEMIKLVPHNESAWNYLKGILQDRGLSRYPNLLNQLLDLQPSHSSPYLIAFLVDIYE
DMLENQCDNKEDILNKALELCEILAKEKDTIRKEYWRYIGRSLQSKHSRESDIPASV
;
A
2 'polypeptide(L)'
;MASSSSFTYYCPPSSSPVWSEPLYSLRPEHARERLQDDSVETVTSIEQAKVEEKIQEVFSSYKFNHLVPRLVLQREKHFH
YLKRGLRQLTDAYECLDASRPWLCYWILHSLELLDEPIPQIVATDVCQFLELCQSPDGGFGGGPGQYPHLAPTYAAVNAL
CIIGTEEAYNVINREKLLQYLYSLKQPDGSFLMHVGGEVDVRSAYCAASVASLTNIITPDLFEGTAEWIARCQNWEGGIG
GVPGMEAHGGYTFCGLAALVILKKERSLNLKSLLQWVTSRQMRFEGGFQGRCNKLVDGCYSFWQAGLLPLLHRALHAQGD
PALSMSHWMFHQQALQEYILMCCQCPAGGLLDKPGKSRDFYHTCYCLSGLSIAQHFGSGAMLHDVVMGVPENVLQPTHPV
YNIGPDKVIQATTHFLQKPVPGFEECE
;
B
#
# COMPACT_ATOMS: atom_id res chain seq x y z
N PHE A 55 17.75 -27.08 16.61
CA PHE A 55 18.13 -28.48 16.99
C PHE A 55 17.23 -29.51 16.30
N LEU A 56 15.98 -29.66 16.77
CA LEU A 56 15.02 -30.54 16.09
C LEU A 56 14.14 -29.75 15.10
N SER A 57 14.49 -29.82 13.82
CA SER A 57 13.81 -29.08 12.78
C SER A 57 12.34 -29.43 12.60
N LEU A 58 11.54 -28.42 12.26
CA LEU A 58 10.09 -28.57 12.12
C LEU A 58 9.73 -29.48 10.97
N ASP A 59 10.60 -29.59 9.97
CA ASP A 59 10.36 -30.55 8.87
C ASP A 59 11.25 -31.81 8.91
N SER A 60 11.88 -32.07 10.05
CA SER A 60 12.58 -33.33 10.28
C SER A 60 11.60 -34.50 10.26
N PRO A 61 11.96 -35.61 9.59
CA PRO A 61 11.09 -36.82 9.66
C PRO A 61 10.83 -37.27 11.10
N THR A 62 11.79 -36.96 11.96
CA THR A 62 11.79 -37.33 13.36
C THR A 62 11.29 -36.21 14.32
N TYR A 63 10.69 -35.14 13.77
CA TYR A 63 10.05 -34.11 14.58
C TYR A 63 9.04 -34.74 15.49
N VAL A 64 8.99 -34.29 16.73
CA VAL A 64 8.06 -34.76 17.75
C VAL A 64 7.28 -33.56 18.30
N LEU A 65 5.99 -33.74 18.56
CA LEU A 65 5.22 -32.68 19.15
C LEU A 65 5.74 -32.37 20.55
N TYR A 66 5.66 -31.09 20.93
CA TYR A 66 6.12 -30.64 22.24
C TYR A 66 5.43 -31.37 23.38
N ARG A 67 4.16 -31.70 23.18
CA ARG A 67 3.37 -32.49 24.15
C ARG A 67 3.90 -33.93 24.37
N ASP A 68 4.76 -34.41 23.49
CA ASP A 68 5.36 -35.74 23.63
C ASP A 68 6.85 -35.62 23.94
N ARG A 69 7.33 -34.45 24.36
CA ARG A 69 8.74 -34.30 24.71
C ARG A 69 8.88 -34.33 26.23
N ALA A 70 9.78 -35.19 26.72
CA ALA A 70 10.00 -35.35 28.17
C ALA A 70 10.54 -34.07 28.81
N GLU A 71 11.51 -33.45 28.15
CA GLU A 71 12.04 -32.14 28.57
C GLU A 71 10.98 -31.06 28.78
N TRP A 72 9.74 -31.29 28.38
CA TRP A 72 8.69 -30.30 28.54
C TRP A 72 7.58 -30.71 29.52
N ALA A 73 7.77 -31.83 30.24
CA ALA A 73 6.68 -32.42 31.06
C ALA A 73 6.25 -31.57 32.23
N ASP A 74 7.16 -30.77 32.75
CA ASP A 74 6.84 -29.93 33.90
C ASP A 74 5.90 -28.78 33.58
N ILE A 75 5.75 -28.45 32.30
CA ILE A 75 4.98 -27.28 31.89
C ILE A 75 3.64 -27.72 31.24
N ASP A 76 2.55 -27.10 31.68
CA ASP A 76 1.22 -27.31 31.15
C ASP A 76 0.98 -26.30 30.02
N PRO A 77 0.72 -26.81 28.79
CA PRO A 77 0.42 -25.91 27.69
C PRO A 77 -0.78 -25.02 28.00
N VAL A 78 -0.85 -23.85 27.36
CA VAL A 78 -1.96 -22.93 27.56
C VAL A 78 -2.71 -22.85 26.24
N PRO A 79 -3.88 -23.52 26.15
CA PRO A 79 -4.66 -23.47 24.91
C PRO A 79 -5.23 -22.09 24.70
N GLN A 80 -5.48 -21.75 23.45
CA GLN A 80 -5.92 -20.41 23.10
C GLN A 80 -7.32 -20.16 23.62
N ASN A 81 -7.48 -19.07 24.36
CA ASN A 81 -8.78 -18.67 24.92
C ASN A 81 -9.53 -17.82 23.87
N ASP A 82 -10.43 -18.46 23.11
CA ASP A 82 -11.15 -17.80 22.00
C ASP A 82 -12.62 -17.52 22.31
N GLY A 83 -13.08 -17.91 23.50
CA GLY A 83 -14.48 -17.72 23.89
C GLY A 83 -15.37 -18.93 23.62
N PRO A 84 -16.60 -18.89 24.16
CA PRO A 84 -17.64 -19.92 23.92
C PRO A 84 -18.14 -20.03 22.48
N SER A 85 -18.07 -18.95 21.71
CA SER A 85 -18.54 -18.98 20.31
C SER A 85 -17.63 -18.12 19.41
N PRO A 86 -16.54 -18.73 18.91
CA PRO A 86 -15.47 -17.94 18.31
C PRO A 86 -15.80 -17.37 16.93
N VAL A 87 -15.09 -16.33 16.53
CA VAL A 87 -15.17 -15.79 15.16
C VAL A 87 -13.78 -15.84 14.52
N VAL A 88 -13.74 -15.85 13.20
CA VAL A 88 -12.51 -16.00 12.43
C VAL A 88 -11.55 -17.00 13.07
N GLN A 89 -12.11 -18.14 13.44
CA GLN A 89 -11.39 -19.19 14.13
C GLN A 89 -10.64 -19.98 13.11
N ILE A 90 -9.32 -20.01 13.21
CA ILE A 90 -8.56 -20.70 12.18
CA ILE A 90 -8.48 -20.68 12.24
C ILE A 90 -8.33 -22.13 12.67
N ILE A 91 -8.48 -23.06 11.74
CA ILE A 91 -8.38 -24.48 12.07
C ILE A 91 -6.94 -24.87 11.90
N TYR A 92 -6.18 -24.64 12.95
CA TYR A 92 -4.74 -24.87 12.92
C TYR A 92 -4.40 -26.35 12.74
N SER A 93 -3.31 -26.63 12.04
CA SER A 93 -2.68 -27.93 12.08
C SER A 93 -2.28 -28.30 13.50
N GLU A 94 -2.09 -29.60 13.75
CA GLU A 94 -1.74 -30.09 15.08
C GLU A 94 -0.42 -29.49 15.53
N LYS A 95 0.53 -29.48 14.60
CA LYS A 95 1.88 -28.96 14.81
C LYS A 95 1.90 -27.46 15.22
N PHE A 96 1.06 -26.65 14.57
CA PHE A 96 0.99 -25.22 14.84
C PHE A 96 0.38 -24.96 16.21
N ARG A 97 -0.74 -25.62 16.49
CA ARG A 97 -1.44 -25.53 17.76
C ARG A 97 -0.59 -25.97 18.93
N ASP A 98 0.17 -27.05 18.72
CA ASP A 98 1.05 -27.58 19.74
C ASP A 98 2.17 -26.59 20.08
N VAL A 99 2.91 -26.11 19.08
CA VAL A 99 3.94 -25.07 19.31
C VAL A 99 3.38 -23.85 20.03
N TYR A 100 2.24 -23.36 19.56
CA TYR A 100 1.68 -22.15 20.12
C TYR A 100 1.09 -22.28 21.51
N ASP A 101 0.60 -23.49 21.87
CA ASP A 101 0.09 -23.78 23.22
C ASP A 101 1.25 -23.71 24.20
N TYR A 102 2.41 -24.20 23.78
CA TYR A 102 3.62 -24.15 24.61
C TYR A 102 4.22 -22.75 24.61
N PHE A 103 4.14 -22.03 23.50
CA PHE A 103 4.63 -20.65 23.49
C PHE A 103 3.85 -19.77 24.48
N ARG A 104 2.53 -19.90 24.47
CA ARG A 104 1.70 -19.22 25.47
C ARG A 104 2.08 -19.52 26.92
N ALA A 105 2.38 -20.79 27.19
CA ALA A 105 2.83 -21.20 28.52
C ALA A 105 4.13 -20.46 28.88
N VAL A 106 5.16 -20.53 28.04
CA VAL A 106 6.42 -19.85 28.40
C VAL A 106 6.26 -18.30 28.46
N LEU A 107 5.41 -17.75 27.60
CA LEU A 107 5.16 -16.31 27.58
C LEU A 107 4.50 -15.87 28.89
N GLN A 108 3.46 -16.59 29.32
CA GLN A 108 2.73 -16.22 30.54
C GLN A 108 3.56 -16.40 31.78
N ARG A 109 4.44 -17.39 31.81
CA ARG A 109 5.28 -17.57 32.96
C ARG A 109 6.51 -16.66 32.89
N ASP A 110 6.72 -16.00 31.75
CA ASP A 110 7.95 -15.27 31.43
C ASP A 110 9.18 -16.14 31.72
N GLU A 111 9.17 -17.32 31.11
CA GLU A 111 10.26 -18.25 31.25
C GLU A 111 11.42 -17.86 30.33
N ARG A 112 12.49 -17.41 30.95
CA ARG A 112 13.64 -16.92 30.22
C ARG A 112 14.68 -18.01 30.17
N SER A 113 14.50 -18.97 29.27
CA SER A 113 15.29 -20.18 29.23
C SER A 113 15.73 -20.56 27.83
N GLU A 114 16.75 -21.41 27.78
CA GLU A 114 17.22 -21.97 26.55
C GLU A 114 16.14 -22.73 25.79
N ARG A 115 15.31 -23.47 26.51
CA ARG A 115 14.25 -24.20 25.85
C ARG A 115 13.20 -23.22 25.28
N ALA A 116 12.88 -22.15 26.02
CA ALA A 116 11.94 -21.13 25.50
C ALA A 116 12.48 -20.51 24.20
N PHE A 117 13.78 -20.23 24.19
CA PHE A 117 14.49 -19.62 23.05
C PHE A 117 14.36 -20.46 21.80
N LYS A 118 14.62 -21.75 21.95
CA LYS A 118 14.42 -22.71 20.84
C LYS A 118 12.96 -22.86 20.38
N LEU A 119 12.03 -22.78 21.32
CA LEU A 119 10.63 -22.80 20.95
C LEU A 119 10.23 -21.57 20.06
N THR A 120 10.81 -20.39 20.34
CA THR A 120 10.46 -19.17 19.55
C THR A 120 10.87 -19.36 18.11
N ARG A 121 11.92 -20.12 17.92
CA ARG A 121 12.36 -20.48 16.60
C ARG A 121 11.30 -21.21 15.80
N ASP A 122 10.64 -22.18 16.44
CA ASP A 122 9.64 -22.99 15.77
C ASP A 122 8.38 -22.16 15.57
N ALA A 123 8.05 -21.36 16.57
CA ALA A 123 6.88 -20.49 16.51
C ALA A 123 7.04 -19.49 15.35
N ILE A 124 8.24 -18.94 15.22
CA ILE A 124 8.53 -18.00 14.15
C ILE A 124 8.41 -18.70 12.80
N GLU A 125 9.02 -19.87 12.67
CA GLU A 125 8.91 -20.61 11.43
C GLU A 125 7.46 -20.88 11.01
N LEU A 126 6.59 -21.15 11.98
CA LEU A 126 5.18 -21.41 11.70
C LEU A 126 4.38 -20.14 11.35
N ASN A 127 4.75 -19.01 11.94
CA ASN A 127 4.17 -17.71 11.57
C ASN A 127 5.16 -16.59 11.90
N ALA A 128 5.96 -16.24 10.89
CA ALA A 128 7.01 -15.26 11.01
C ALA A 128 6.50 -13.84 11.17
N ALA A 129 5.20 -13.63 10.90
CA ALA A 129 4.51 -12.37 11.16
C ALA A 129 4.12 -12.19 12.62
N ASN A 130 4.36 -13.20 13.48
CA ASN A 130 3.97 -13.06 14.86
C ASN A 130 4.93 -12.16 15.63
N TYR A 131 4.53 -10.88 15.76
CA TYR A 131 5.37 -9.85 16.40
C TYR A 131 5.54 -10.06 17.89
N THR A 132 4.56 -10.66 18.56
CA THR A 132 4.70 -11.03 19.98
C THR A 132 5.86 -12.06 20.18
N VAL A 133 6.01 -13.02 19.28
CA VAL A 133 7.11 -14.00 19.42
C VAL A 133 8.47 -13.36 19.20
N TRP A 134 8.57 -12.51 18.17
CA TRP A 134 9.80 -11.75 17.94
C TRP A 134 10.22 -10.88 19.13
N HIS A 135 9.26 -10.19 19.75
CA HIS A 135 9.54 -9.41 20.94
C HIS A 135 10.10 -10.30 22.08
N PHE A 136 9.47 -11.45 22.29
CA PHE A 136 9.95 -12.37 23.33
C PHE A 136 11.30 -12.95 22.99
N ARG A 137 11.53 -13.27 21.72
CA ARG A 137 12.83 -13.74 21.31
C ARG A 137 13.95 -12.72 21.60
N ARG A 138 13.66 -11.44 21.37
CA ARG A 138 14.62 -10.37 21.71
C ARG A 138 14.87 -10.26 23.20
N VAL A 139 13.82 -10.30 24.02
CA VAL A 139 14.01 -10.42 25.49
C VAL A 139 14.92 -11.59 25.86
N LEU A 140 14.73 -12.72 25.22
CA LEU A 140 15.55 -13.92 25.47
C LEU A 140 16.99 -13.71 24.98
N LEU A 141 17.17 -13.20 23.76
CA LEU A 141 18.55 -12.87 23.32
C LEU A 141 19.32 -12.04 24.36
N ARG A 142 18.68 -11.04 24.94
CA ARG A 142 19.33 -10.19 25.94
C ARG A 142 19.49 -10.88 27.31
N SER A 143 18.44 -11.48 27.84
CA SER A 143 18.52 -12.20 29.14
C SER A 143 19.47 -13.39 29.15
N LEU A 144 19.48 -14.17 28.08
CA LEU A 144 20.34 -15.34 28.01
C LEU A 144 21.75 -14.99 27.54
N GLN A 145 22.00 -13.73 27.22
CA GLN A 145 23.28 -13.35 26.67
C GLN A 145 23.66 -14.18 25.47
N LYS A 146 22.75 -14.32 24.53
CA LYS A 146 23.01 -15.11 23.36
C LYS A 146 23.99 -14.40 22.46
N ASP A 147 24.84 -15.17 21.78
CA ASP A 147 25.80 -14.60 20.86
C ASP A 147 25.07 -14.05 19.62
N LEU A 148 25.19 -12.74 19.42
CA LEU A 148 24.42 -12.03 18.41
C LEU A 148 24.90 -12.26 16.99
N GLN A 149 26.13 -12.73 16.79
CA GLN A 149 26.58 -13.10 15.45
C GLN A 149 25.95 -14.38 14.98
N GLU A 150 25.75 -15.30 15.90
CA GLU A 150 25.00 -16.51 15.61
C GLU A 150 23.54 -16.15 15.26
N GLU A 151 22.97 -15.19 15.97
CA GLU A 151 21.62 -14.69 15.67
C GLU A 151 21.59 -13.94 14.32
N MET A 152 22.68 -13.26 13.98
CA MET A 152 22.82 -12.71 12.66
C MET A 152 22.81 -13.79 11.60
N ASN A 153 23.47 -14.92 11.85
CA ASN A 153 23.43 -16.04 10.92
C ASN A 153 22.01 -16.55 10.74
N TYR A 154 21.29 -16.64 11.85
CA TYR A 154 19.90 -17.07 11.83
C TYR A 154 18.97 -16.13 10.96
N ILE A 155 18.99 -14.84 11.21
CA ILE A 155 18.08 -13.92 10.52
C ILE A 155 18.40 -13.86 9.03
N ILE A 156 19.67 -13.99 8.68
CA ILE A 156 20.09 -14.09 7.28
C ILE A 156 19.34 -15.21 6.59
N ALA A 157 19.35 -16.38 7.21
CA ALA A 157 18.71 -17.57 6.64
C ALA A 157 17.19 -17.37 6.55
N ILE A 158 16.60 -16.84 7.60
CA ILE A 158 15.17 -16.53 7.59
C ILE A 158 14.71 -15.49 6.53
N ILE A 159 15.43 -14.36 6.41
CA ILE A 159 15.08 -13.35 5.40
C ILE A 159 15.20 -13.96 4.00
N GLU A 160 16.26 -14.71 3.82
CA GLU A 160 16.50 -15.40 2.57
C GLU A 160 15.25 -16.22 2.16
N GLU A 161 14.62 -16.92 3.13
CA GLU A 161 13.38 -17.70 2.90
C GLU A 161 12.09 -16.90 2.80
N GLN A 162 11.95 -15.86 3.64
CA GLN A 162 10.75 -15.03 3.69
C GLN A 162 11.10 -13.55 3.60
N PRO A 163 11.58 -13.11 2.43
CA PRO A 163 12.06 -11.74 2.28
C PRO A 163 10.97 -10.64 2.34
N LYS A 164 9.70 -10.96 2.16
CA LYS A 164 8.61 -9.94 2.20
C LYS A 164 7.86 -10.00 3.52
N ASN A 165 8.53 -9.66 4.59
CA ASN A 165 7.95 -9.72 5.90
C ASN A 165 8.63 -8.61 6.67
N TYR A 166 7.86 -7.80 7.37
CA TYR A 166 8.39 -6.69 8.15
C TYR A 166 9.22 -7.12 9.34
N GLN A 167 8.74 -8.14 10.06
CA GLN A 167 9.33 -8.51 11.35
C GLN A 167 10.79 -8.90 11.21
N VAL A 168 11.06 -9.60 10.13
CA VAL A 168 12.32 -10.21 9.83
C VAL A 168 13.44 -9.15 9.58
N TRP A 169 13.09 -8.11 8.81
CA TRP A 169 13.98 -7.00 8.56
C TRP A 169 14.12 -6.09 9.78
N HIS A 170 13.06 -5.87 10.54
CA HIS A 170 13.20 -5.10 11.75
C HIS A 170 14.13 -5.80 12.74
N HIS A 171 14.03 -7.13 12.83
CA HIS A 171 14.91 -7.90 13.72
C HIS A 171 16.37 -7.72 13.29
N ARG A 172 16.65 -7.92 12.00
CA ARG A 172 18.00 -7.64 11.49
C ARG A 172 18.54 -6.24 11.88
N ARG A 173 17.70 -5.23 11.75
CA ARG A 173 18.12 -3.88 12.06
C ARG A 173 18.46 -3.72 13.54
N VAL A 174 17.62 -4.28 14.38
CA VAL A 174 17.91 -4.29 15.82
C VAL A 174 19.27 -4.96 16.12
N LEU A 175 19.58 -6.04 15.41
CA LEU A 175 20.86 -6.75 15.61
C LEU A 175 22.05 -5.88 15.19
N VAL A 176 21.89 -5.20 14.07
CA VAL A 176 22.95 -4.35 13.56
C VAL A 176 23.17 -3.19 14.52
N GLU A 177 22.09 -2.59 15.04
CA GLU A 177 22.27 -1.54 16.04
C GLU A 177 22.80 -2.02 17.38
N TRP A 178 22.48 -3.24 17.80
CA TRP A 178 23.09 -3.81 19.02
C TRP A 178 24.61 -4.02 18.89
N LEU A 179 25.01 -4.52 17.73
CA LEU A 179 26.38 -4.85 17.42
C LEU A 179 27.19 -3.62 16.93
N LYS A 180 26.49 -2.54 16.56
CA LYS A 180 27.14 -1.39 15.87
C LYS A 180 28.00 -1.91 14.72
N ASP A 181 27.47 -2.81 13.90
CA ASP A 181 28.29 -3.45 12.84
C ASP A 181 27.54 -3.66 11.50
N PRO A 182 27.78 -2.77 10.51
CA PRO A 182 27.14 -2.79 9.20
C PRO A 182 27.87 -3.60 8.12
N SER A 183 28.93 -4.30 8.52
CA SER A 183 29.90 -4.83 7.59
C SER A 183 29.42 -6.00 6.75
N GLN A 184 28.35 -6.65 7.15
CA GLN A 184 27.78 -7.71 6.33
C GLN A 184 26.60 -7.26 5.45
N GLU A 185 26.16 -6.02 5.64
CA GLU A 185 24.83 -5.58 5.18
C GLU A 185 24.67 -5.37 3.70
N LEU A 186 25.58 -4.62 3.09
CA LEU A 186 25.43 -4.25 1.68
C LEU A 186 25.51 -5.49 0.81
N GLU A 187 26.45 -6.35 1.16
CA GLU A 187 26.61 -7.62 0.48
C GLU A 187 25.42 -8.54 0.72
N PHE A 188 24.92 -8.62 1.95
CA PHE A 188 23.74 -9.45 2.20
C PHE A 188 22.53 -8.91 1.42
N ILE A 189 22.28 -7.61 1.54
CA ILE A 189 21.19 -6.97 0.84
C ILE A 189 21.30 -7.19 -0.66
N ALA A 190 22.52 -7.09 -1.21
CA ALA A 190 22.73 -7.34 -2.64
C ALA A 190 22.37 -8.76 -3.06
N ASP A 191 22.51 -9.73 -2.16
CA ASP A 191 22.05 -11.09 -2.44
C ASP A 191 20.52 -11.22 -2.52
N ILE A 192 19.80 -10.52 -1.64
CA ILE A 192 18.35 -10.53 -1.69
C ILE A 192 17.92 -9.84 -2.98
N LEU A 193 18.52 -8.69 -3.29
CA LEU A 193 18.20 -7.94 -4.51
C LEU A 193 18.60 -8.69 -5.78
N ASN A 194 19.57 -9.58 -5.70
CA ASN A 194 19.88 -10.46 -6.81
C ASN A 194 18.73 -11.42 -7.09
N GLN A 195 17.94 -11.74 -6.07
CA GLN A 195 16.75 -12.60 -6.26
C GLN A 195 15.47 -11.84 -6.58
N ASP A 196 15.25 -10.70 -5.94
CA ASP A 196 14.13 -9.81 -6.26
C ASP A 196 14.67 -8.39 -6.21
N ALA A 197 14.90 -7.80 -7.37
CA ALA A 197 15.61 -6.52 -7.47
C ALA A 197 14.76 -5.34 -7.04
N LYS A 198 13.50 -5.59 -6.71
CA LYS A 198 12.55 -4.55 -6.36
C LYS A 198 11.99 -4.72 -4.96
N ASN A 199 12.61 -5.57 -4.15
CA ASN A 199 12.10 -5.82 -2.77
C ASN A 199 12.20 -4.57 -1.92
N TYR A 200 11.05 -4.15 -1.43
CA TYR A 200 10.89 -2.85 -0.82
C TYR A 200 11.63 -2.79 0.50
N HIS A 201 11.55 -3.87 1.26
CA HIS A 201 12.22 -3.96 2.56
C HIS A 201 13.72 -3.91 2.42
N ALA A 202 14.19 -4.58 1.37
CA ALA A 202 15.62 -4.68 1.05
C ALA A 202 16.15 -3.30 0.71
N TRP A 203 15.42 -2.56 -0.13
CA TRP A 203 15.82 -1.16 -0.44
C TRP A 203 15.76 -0.25 0.76
N GLN A 204 14.71 -0.39 1.57
CA GLN A 204 14.58 0.39 2.80
C GLN A 204 15.71 0.13 3.81
N HIS A 205 16.04 -1.15 3.98
CA HIS A 205 17.12 -1.51 4.89
C HIS A 205 18.48 -0.97 4.37
N ARG A 206 18.67 -1.07 3.06
CA ARG A 206 19.89 -0.51 2.41
C ARG A 206 20.02 1.00 2.66
N GLN A 207 18.96 1.74 2.37
CA GLN A 207 18.97 3.15 2.67
C GLN A 207 19.30 3.41 4.13
N TRP A 208 18.70 2.65 5.02
CA TRP A 208 18.91 2.89 6.43
C TRP A 208 20.39 2.66 6.78
N VAL A 209 20.94 1.52 6.38
CA VAL A 209 22.35 1.21 6.65
C VAL A 209 23.31 2.28 6.07
N ILE A 210 23.07 2.70 4.82
CA ILE A 210 23.90 3.72 4.15
C ILE A 210 23.87 5.06 4.91
N GLN A 211 22.69 5.51 5.24
CA GLN A 211 22.51 6.71 6.07
C GLN A 211 23.16 6.64 7.44
N GLU A 212 22.89 5.55 8.17
CA GLU A 212 23.31 5.45 9.57
C GLU A 212 24.79 5.29 9.74
N PHE A 213 25.41 4.53 8.85
CA PHE A 213 26.83 4.23 8.94
C PHE A 213 27.66 4.91 7.85
N ARG A 214 27.05 5.88 7.17
CA ARG A 214 27.72 6.71 6.17
C ARG A 214 28.45 5.88 5.12
N LEU A 215 27.76 4.95 4.47
CA LEU A 215 28.41 4.08 3.49
C LEU A 215 28.02 4.43 2.06
N TRP A 216 28.20 5.70 1.72
CA TRP A 216 27.77 6.25 0.44
C TRP A 216 28.68 5.96 -0.75
N ASP A 217 29.94 5.67 -0.47
CA ASP A 217 30.98 5.82 -1.50
C ASP A 217 30.89 4.90 -2.72
N ASN A 218 30.31 3.71 -2.56
CA ASN A 218 30.20 2.76 -3.68
C ASN A 218 28.78 2.55 -4.23
N GLU A 219 27.82 3.32 -3.74
CA GLU A 219 26.43 3.03 -4.03
C GLU A 219 25.99 3.40 -5.45
N LEU A 220 26.53 4.51 -5.98
CA LEU A 220 26.17 4.93 -7.35
C LEU A 220 26.67 3.92 -8.38
N GLN A 221 27.78 3.30 -8.06
CA GLN A 221 28.31 2.22 -8.88
C GLN A 221 27.38 0.98 -8.87
N TYR A 222 26.86 0.65 -7.70
CA TYR A 222 25.90 -0.44 -7.55
C TYR A 222 24.66 -0.12 -8.37
N VAL A 223 24.13 1.11 -8.21
CA VAL A 223 23.05 1.60 -9.03
C VAL A 223 23.29 1.36 -10.54
N ASP A 224 24.47 1.78 -11.01
CA ASP A 224 24.80 1.71 -12.43
C ASP A 224 24.70 0.30 -12.90
N GLN A 225 25.25 -0.63 -12.10
CA GLN A 225 25.23 -2.07 -12.40
C GLN A 225 23.80 -2.56 -12.61
N LEU A 226 22.91 -2.21 -11.67
CA LEU A 226 21.52 -2.70 -11.68
C LEU A 226 20.72 -2.04 -12.78
N LEU A 227 20.94 -0.75 -12.98
CA LEU A 227 20.32 -0.04 -14.12
C LEU A 227 20.66 -0.67 -15.46
N LYS A 228 21.89 -1.19 -15.60
CA LYS A 228 22.30 -1.89 -16.81
C LYS A 228 21.59 -3.24 -16.91
N GLU A 229 21.45 -3.91 -15.76
CA GLU A 229 20.69 -5.16 -15.67
C GLU A 229 19.22 -4.95 -16.07
N ASP A 230 18.59 -3.88 -15.57
CA ASP A 230 17.19 -3.57 -15.88
C ASP A 230 16.98 -2.08 -15.74
N VAL A 231 16.90 -1.40 -16.88
CA VAL A 231 16.83 0.08 -16.88
C VAL A 231 15.43 0.54 -16.55
N ARG A 232 14.49 -0.42 -16.54
CA ARG A 232 13.13 -0.17 -16.09
C ARG A 232 12.92 -0.33 -14.58
N ASN A 233 13.98 -0.62 -13.82
CA ASN A 233 13.81 -0.85 -12.38
C ASN A 233 13.63 0.44 -11.62
N ASN A 234 12.39 0.80 -11.32
CA ASN A 234 12.09 2.04 -10.63
C ASN A 234 12.70 2.17 -9.23
N SER A 235 12.99 1.06 -8.60
CA SER A 235 13.63 1.10 -7.29
C SER A 235 15.06 1.61 -7.40
N VAL A 236 15.71 1.23 -8.49
CA VAL A 236 17.09 1.62 -8.76
C VAL A 236 17.20 3.08 -9.19
N TRP A 237 16.21 3.60 -9.93
CA TRP A 237 16.09 5.03 -10.24
C TRP A 237 15.88 5.82 -8.98
N ASN A 238 15.09 5.26 -8.07
CA ASN A 238 14.88 5.92 -6.79
C ASN A 238 16.15 5.90 -5.93
N GLN A 239 16.85 4.78 -5.93
CA GLN A 239 18.13 4.72 -5.20
C GLN A 239 19.15 5.74 -5.80
N ARG A 240 19.15 5.89 -7.12
CA ARG A 240 20.01 6.92 -7.74
C ARG A 240 19.74 8.31 -7.18
N HIS A 241 18.47 8.69 -7.15
CA HIS A 241 18.10 9.98 -6.58
C HIS A 241 18.53 10.08 -5.15
N PHE A 242 18.33 8.98 -4.40
CA PHE A 242 18.71 8.94 -2.98
C PHE A 242 20.22 9.16 -2.82
N VAL A 243 21.03 8.44 -3.57
CA VAL A 243 22.48 8.63 -3.46
C VAL A 243 22.95 10.06 -3.81
N ILE A 244 22.51 10.58 -4.95
CA ILE A 244 22.96 11.88 -5.43
C ILE A 244 22.54 13.01 -4.52
N SER A 245 21.27 13.03 -4.13
CA SER A 245 20.78 14.10 -3.28
C SER A 245 21.34 14.09 -1.85
N ASN A 246 21.97 12.99 -1.43
CA ASN A 246 22.59 12.97 -0.11
C ASN A 246 24.10 13.11 -0.14
N THR A 247 24.69 13.12 -1.35
CA THR A 247 26.11 13.32 -1.54
C THR A 247 26.42 14.69 -2.20
N THR A 248 26.39 14.75 -3.54
CA THR A 248 26.77 15.96 -4.30
C THR A 248 25.61 16.90 -4.42
N GLY A 249 24.41 16.34 -4.48
CA GLY A 249 23.20 17.12 -4.64
C GLY A 249 23.00 17.37 -6.13
N TYR A 250 21.89 17.99 -6.46
CA TYR A 250 21.56 18.26 -7.85
C TYR A 250 21.74 19.76 -8.20
N SER A 251 21.95 20.62 -7.19
CA SER A 251 22.10 22.08 -7.37
C SER A 251 23.56 22.35 -7.57
N ASP A 252 23.96 22.11 -8.80
CA ASP A 252 25.33 21.97 -9.19
C ASP A 252 25.04 21.74 -10.67
N ARG A 253 25.91 22.25 -11.53
CA ARG A 253 25.60 22.27 -12.93
C ARG A 253 26.24 21.05 -13.56
N ALA A 254 27.44 20.69 -13.10
CA ALA A 254 28.15 19.55 -13.65
C ALA A 254 27.39 18.22 -13.42
N VAL A 255 26.86 18.04 -12.22
CA VAL A 255 26.09 16.83 -11.89
C VAL A 255 24.71 16.85 -12.57
N LEU A 256 23.98 17.95 -12.41
CA LEU A 256 22.66 18.10 -13.01
C LEU A 256 22.68 17.75 -14.49
N GLU A 257 23.77 18.12 -15.16
CA GLU A 257 23.92 17.87 -16.59
C GLU A 257 24.13 16.38 -16.87
N ARG A 258 25.24 15.85 -16.38
CA ARG A 258 25.57 14.45 -16.57
C ARG A 258 24.37 13.55 -16.30
N GLU A 259 23.55 13.94 -15.35
CA GLU A 259 22.37 13.18 -14.98
C GLU A 259 21.36 13.21 -16.13
N VAL A 260 21.18 14.40 -16.68
CA VAL A 260 20.24 14.64 -17.75
C VAL A 260 20.69 13.95 -19.02
N GLN A 261 21.99 14.00 -19.31
CA GLN A 261 22.48 13.38 -20.53
C GLN A 261 22.38 11.86 -20.44
N TYR A 262 22.60 11.34 -19.24
CA TYR A 262 22.47 9.91 -18.99
C TYR A 262 21.03 9.43 -19.22
N THR A 263 20.08 10.21 -18.71
CA THR A 263 18.66 9.86 -18.85
C THR A 263 18.17 9.96 -20.30
N LEU A 264 18.47 11.07 -20.96
CA LEU A 264 18.12 11.23 -22.37
C LEU A 264 18.75 10.07 -23.14
N GLU A 265 19.95 9.66 -22.75
CA GLU A 265 20.56 8.53 -23.41
C GLU A 265 19.79 7.23 -23.17
N MET A 266 19.22 7.09 -21.96
CA MET A 266 18.40 5.92 -21.63
C MET A 266 17.05 5.96 -22.34
N ILE A 267 16.37 7.10 -22.25
CA ILE A 267 15.16 7.37 -23.02
C ILE A 267 15.33 7.02 -24.50
N LYS A 268 16.48 7.35 -25.09
CA LYS A 268 16.70 7.06 -26.51
C LYS A 268 16.75 5.55 -26.74
N LEU A 269 17.41 4.82 -25.84
CA LEU A 269 17.55 3.38 -26.03
C LEU A 269 16.21 2.65 -25.88
N VAL A 270 15.37 3.15 -24.96
CA VAL A 270 14.03 2.58 -24.71
C VAL A 270 13.08 3.72 -24.33
N PRO A 271 12.50 4.38 -25.35
CA PRO A 271 11.62 5.53 -25.20
C PRO A 271 10.34 5.36 -24.39
N HIS A 272 9.82 4.13 -24.30
CA HIS A 272 8.58 3.87 -23.54
C HIS A 272 8.83 3.37 -22.09
N ASN A 273 10.07 3.45 -21.61
CA ASN A 273 10.38 3.29 -20.18
C ASN A 273 10.01 4.54 -19.40
N GLU A 274 8.90 4.49 -18.67
CA GLU A 274 8.41 5.61 -17.86
C GLU A 274 9.33 6.03 -16.71
N SER A 275 10.19 5.11 -16.25
CA SER A 275 11.04 5.43 -15.09
C SER A 275 11.99 6.60 -15.39
N ALA A 276 12.75 6.45 -16.45
CA ALA A 276 13.68 7.50 -16.93
C ALA A 276 12.97 8.83 -17.15
N TRP A 277 11.76 8.79 -17.72
CA TRP A 277 10.94 10.00 -17.90
C TRP A 277 10.55 10.66 -16.59
N ASN A 278 10.17 9.86 -15.61
CA ASN A 278 9.83 10.39 -14.29
C ASN A 278 11.08 10.89 -13.56
N TYR A 279 12.20 10.22 -13.75
CA TYR A 279 13.45 10.70 -13.19
C TYR A 279 13.78 12.08 -13.82
N LEU A 280 13.92 12.13 -15.16
CA LEU A 280 14.15 13.39 -15.92
C LEU A 280 13.30 14.52 -15.43
N LYS A 281 11.99 14.31 -15.46
CA LYS A 281 11.05 15.29 -14.92
C LYS A 281 11.41 15.61 -13.48
N GLY A 282 11.58 14.56 -12.67
CA GLY A 282 11.85 14.72 -11.24
C GLY A 282 12.98 15.63 -10.86
N ILE A 283 14.12 15.52 -11.54
CA ILE A 283 15.31 16.33 -11.20
C ILE A 283 15.34 17.76 -11.77
N LEU A 284 14.57 18.01 -12.83
CA LEU A 284 14.42 19.37 -13.42
C LEU A 284 13.29 20.22 -12.84
N GLN A 285 12.25 19.61 -12.30
CA GLN A 285 10.94 20.26 -12.20
C GLN A 285 10.70 21.24 -11.06
N ASP A 286 11.47 21.14 -9.99
CA ASP A 286 11.19 21.99 -8.84
C ASP A 286 11.98 23.30 -8.91
N ARG A 287 13.03 23.33 -9.74
CA ARG A 287 13.61 24.59 -10.29
C ARG A 287 12.62 25.21 -11.30
N GLY A 288 11.92 24.36 -12.03
CA GLY A 288 10.97 24.79 -13.06
C GLY A 288 11.49 24.34 -14.42
N LEU A 289 10.63 23.68 -15.20
CA LEU A 289 11.05 23.19 -16.49
C LEU A 289 11.40 24.33 -17.48
N SER A 290 10.75 25.49 -17.34
CA SER A 290 10.96 26.58 -18.28
C SER A 290 12.33 27.28 -18.10
N ARG A 291 13.02 26.92 -17.02
CA ARG A 291 14.33 27.47 -16.73
C ARG A 291 15.38 26.89 -17.68
N TYR A 292 15.02 25.79 -18.34
CA TYR A 292 15.87 25.11 -19.29
C TYR A 292 15.26 25.17 -20.70
N PRO A 293 15.56 26.25 -21.47
CA PRO A 293 14.88 26.48 -22.74
C PRO A 293 15.27 25.53 -23.89
N ASN A 294 16.46 24.91 -23.82
CA ASN A 294 16.88 23.91 -24.82
C ASN A 294 16.12 22.58 -24.77
N LEU A 295 15.43 22.37 -23.65
CA LEU A 295 14.78 21.10 -23.36
C LEU A 295 13.62 20.88 -24.35
N LEU A 296 12.71 21.84 -24.42
CA LEU A 296 11.70 21.91 -25.48
C LEU A 296 12.21 21.37 -26.82
N ASN A 297 13.23 22.04 -27.32
CA ASN A 297 13.72 21.85 -28.67
C ASN A 297 14.21 20.43 -28.82
N GLN A 298 14.94 19.96 -27.82
CA GLN A 298 15.56 18.65 -27.90
C GLN A 298 14.51 17.53 -27.79
N LEU A 299 13.35 17.83 -27.21
CA LEU A 299 12.22 16.88 -27.18
C LEU A 299 11.35 17.02 -28.45
N LEU A 300 11.03 18.26 -28.81
CA LEU A 300 10.44 18.58 -30.12
C LEU A 300 11.31 18.20 -31.32
N ASP A 301 12.36 17.40 -31.10
CA ASP A 301 13.19 16.88 -32.19
C ASP A 301 13.23 15.35 -32.32
N LEU A 302 12.88 14.63 -31.25
CA LEU A 302 12.80 13.17 -31.33
C LEU A 302 11.35 12.62 -31.38
N GLN A 303 10.39 13.46 -31.80
CA GLN A 303 8.99 13.00 -31.91
C GLN A 303 8.82 11.88 -32.96
N PRO A 304 8.89 12.22 -34.27
CA PRO A 304 8.78 11.16 -35.29
C PRO A 304 9.73 9.96 -35.09
N SER A 305 10.86 10.18 -34.41
CA SER A 305 11.79 9.09 -34.08
C SER A 305 11.38 8.32 -32.80
N HIS A 306 11.20 9.04 -31.69
CA HIS A 306 10.98 8.41 -30.36
C HIS A 306 9.69 8.83 -29.64
N SER A 307 8.61 9.09 -30.39
CA SER A 307 7.39 9.61 -29.75
C SER A 307 6.72 8.59 -28.84
N SER A 308 5.95 9.13 -27.90
CA SER A 308 5.21 8.35 -26.93
C SER A 308 4.26 9.32 -26.23
N PRO A 309 3.28 8.81 -25.48
CA PRO A 309 2.51 9.69 -24.59
C PRO A 309 3.38 10.35 -23.52
N TYR A 310 4.54 9.75 -23.21
CA TYR A 310 5.46 10.31 -22.19
C TYR A 310 6.11 11.56 -22.75
N LEU A 311 6.58 11.50 -24.00
CA LEU A 311 7.17 12.66 -24.64
C LEU A 311 6.16 13.80 -24.72
N ILE A 312 4.97 13.48 -25.23
CA ILE A 312 3.91 14.48 -25.41
C ILE A 312 3.49 15.10 -24.09
N ALA A 313 3.50 14.30 -23.03
CA ALA A 313 3.06 14.74 -21.69
C ALA A 313 4.11 15.61 -21.01
N PHE A 314 5.37 15.27 -21.26
CA PHE A 314 6.51 16.11 -20.86
C PHE A 314 6.41 17.49 -21.54
N LEU A 315 6.10 17.49 -22.83
CA LEU A 315 5.86 18.76 -23.56
C LEU A 315 4.84 19.62 -22.86
N VAL A 316 3.74 19.01 -22.44
CA VAL A 316 2.69 19.74 -21.72
C VAL A 316 3.19 20.29 -20.39
N ASP A 317 4.02 19.52 -19.68
CA ASP A 317 4.60 20.00 -18.42
C ASP A 317 5.52 21.21 -18.65
N ILE A 318 6.37 21.12 -19.68
CA ILE A 318 7.21 22.27 -20.10
C ILE A 318 6.33 23.49 -20.35
N TYR A 319 5.33 23.35 -21.24
CA TYR A 319 4.42 24.47 -21.58
C TYR A 319 3.72 25.03 -20.36
N GLU A 320 3.37 24.12 -19.43
CA GLU A 320 2.64 24.50 -18.20
C GLU A 320 3.48 25.46 -17.35
N ASP A 321 4.75 25.15 -17.17
CA ASP A 321 5.66 26.00 -16.38
C ASP A 321 5.99 27.30 -17.10
N MET A 322 6.16 27.22 -18.43
CA MET A 322 6.30 28.43 -19.27
C MET A 322 5.16 29.39 -19.03
N LEU A 323 3.95 28.90 -19.11
CA LEU A 323 2.74 29.69 -18.88
C LEU A 323 2.66 30.22 -17.44
N GLU A 324 3.09 29.41 -16.47
CA GLU A 324 3.05 29.82 -15.05
C GLU A 324 4.00 30.97 -14.74
N ASN A 325 5.12 31.00 -15.45
CA ASN A 325 5.92 32.21 -15.56
C ASN A 325 5.40 32.99 -16.76
N GLN A 326 5.50 34.31 -16.74
CA GLN A 326 4.96 35.10 -17.86
C GLN A 326 5.84 34.93 -19.10
N CYS A 327 5.65 33.82 -19.82
CA CYS A 327 6.47 33.50 -21.00
C CYS A 327 6.06 34.31 -22.23
N ASP A 328 6.89 34.18 -23.28
CA ASP A 328 6.66 34.86 -24.56
C ASP A 328 5.68 34.03 -25.39
N ASN A 329 4.81 34.72 -26.13
CA ASN A 329 3.80 34.07 -26.96
C ASN A 329 2.84 33.27 -26.08
N LYS A 330 2.20 33.96 -25.13
CA LYS A 330 1.42 33.34 -24.07
C LYS A 330 0.25 32.56 -24.67
N GLU A 331 -0.79 33.30 -25.09
CA GLU A 331 -1.96 32.68 -25.68
C GLU A 331 -1.60 31.78 -26.85
N ASP A 332 -0.31 31.76 -27.19
CA ASP A 332 0.17 30.94 -28.29
C ASP A 332 0.59 29.56 -27.81
N ILE A 333 1.51 29.52 -26.85
CA ILE A 333 2.00 28.26 -26.30
C ILE A 333 0.88 27.50 -25.59
N LEU A 334 -0.20 28.21 -25.26
CA LEU A 334 -1.32 27.61 -24.58
C LEU A 334 -2.07 26.65 -25.49
N ASN A 335 -2.31 27.08 -26.73
CA ASN A 335 -3.01 26.24 -27.71
C ASN A 335 -2.21 25.01 -28.11
N LYS A 336 -0.88 25.14 -28.11
CA LYS A 336 -0.01 23.99 -28.41
C LYS A 336 -0.31 22.92 -27.37
N ALA A 337 -0.38 23.36 -26.11
CA ALA A 337 -0.60 22.48 -24.96
C ALA A 337 -1.97 21.78 -25.02
N LEU A 338 -3.00 22.55 -25.40
CA LEU A 338 -4.37 22.01 -25.45
C LEU A 338 -4.48 21.01 -26.58
N GLU A 339 -3.95 21.36 -27.74
CA GLU A 339 -3.83 20.41 -28.84
C GLU A 339 -3.26 19.06 -28.34
N LEU A 340 -2.24 19.13 -27.49
CA LEU A 340 -1.60 17.93 -26.98
C LEU A 340 -2.47 17.21 -25.92
N CYS A 341 -3.06 17.98 -25.03
CA CYS A 341 -3.94 17.42 -24.03
C CYS A 341 -5.04 16.56 -24.65
N GLU A 342 -5.70 17.11 -25.66
CA GLU A 342 -6.79 16.40 -26.28
C GLU A 342 -6.24 15.30 -27.17
N ILE A 343 -5.06 15.48 -27.75
CA ILE A 343 -4.42 14.33 -28.38
C ILE A 343 -4.26 13.17 -27.35
N LEU A 344 -3.90 13.51 -26.10
CA LEU A 344 -3.74 12.53 -25.03
C LEU A 344 -5.08 11.95 -24.51
N ALA A 345 -6.04 12.83 -24.20
CA ALA A 345 -7.33 12.43 -23.68
C ALA A 345 -8.21 11.64 -24.67
N LYS A 346 -8.01 11.84 -25.98
CA LYS A 346 -8.90 11.27 -27.01
C LYS A 346 -8.27 10.14 -27.78
N GLU A 347 -6.95 10.16 -27.87
CA GLU A 347 -6.27 9.27 -28.78
C GLU A 347 -5.15 8.49 -28.09
N LYS A 348 -4.24 9.22 -27.46
CA LYS A 348 -2.91 8.69 -27.18
C LYS A 348 -2.76 8.16 -25.73
N ASP A 349 -3.64 8.60 -24.84
CA ASP A 349 -3.59 8.24 -23.42
C ASP A 349 -4.96 8.34 -22.75
N THR A 350 -5.93 7.60 -23.30
CA THR A 350 -7.35 7.74 -22.89
C THR A 350 -7.65 7.19 -21.48
N ILE A 351 -6.82 6.26 -20.98
CA ILE A 351 -6.97 5.79 -19.58
C ILE A 351 -6.91 6.98 -18.63
N ARG A 352 -6.13 8.00 -19.04
CA ARG A 352 -6.06 9.29 -18.32
C ARG A 352 -6.98 10.41 -18.84
N LYS A 353 -7.99 10.07 -19.64
CA LYS A 353 -8.85 11.10 -20.25
C LYS A 353 -9.34 12.09 -19.21
N GLU A 354 -9.71 11.59 -18.04
CA GLU A 354 -10.24 12.45 -17.00
C GLU A 354 -9.19 13.40 -16.37
N TYR A 355 -7.92 12.99 -16.41
CA TYR A 355 -6.85 13.82 -15.88
C TYR A 355 -6.49 14.87 -16.92
N TRP A 356 -6.33 14.44 -18.17
CA TRP A 356 -5.92 15.32 -19.28
C TRP A 356 -6.99 16.29 -19.69
N ARG A 357 -8.26 15.94 -19.54
CA ARG A 357 -9.33 16.91 -19.71
CA ARG A 357 -9.36 16.89 -19.70
C ARG A 357 -9.32 17.93 -18.57
N TYR A 358 -8.99 17.48 -17.36
CA TYR A 358 -8.85 18.42 -16.22
C TYR A 358 -7.63 19.35 -16.38
N ILE A 359 -6.56 18.87 -17.02
CA ILE A 359 -5.38 19.70 -17.30
C ILE A 359 -5.64 20.68 -18.47
N GLY A 360 -6.50 20.28 -19.40
CA GLY A 360 -6.91 21.15 -20.49
C GLY A 360 -7.65 22.33 -19.92
N ARG A 361 -8.50 22.01 -18.96
CA ARG A 361 -9.41 22.95 -18.31
C ARG A 361 -8.62 23.97 -17.52
N SER A 362 -7.99 23.54 -16.41
CA SER A 362 -7.19 24.42 -15.49
C SER A 362 -6.24 25.39 -16.24
N LEU A 363 -5.64 24.95 -17.33
CA LEU A 363 -4.80 25.79 -18.19
C LEU A 363 -5.58 26.85 -18.95
N GLN A 364 -6.73 26.43 -19.49
CA GLN A 364 -7.73 27.30 -20.11
C GLN A 364 -8.11 28.39 -19.13
N SER A 365 -8.46 27.93 -17.93
CA SER A 365 -8.99 28.78 -16.87
C SER A 365 -8.03 29.87 -16.44
N LYS A 366 -6.72 29.61 -16.47
CA LYS A 366 -5.78 30.60 -15.92
C LYS A 366 -4.84 31.27 -16.90
N HIS A 367 -4.81 30.82 -18.15
CA HIS A 367 -3.86 31.34 -19.13
C HIS A 367 -4.45 31.77 -20.48
N SER A 368 -5.78 31.84 -20.57
CA SER A 368 -6.46 32.23 -21.82
C SER A 368 -6.69 33.74 -21.98
N ARG A 369 -7.90 34.20 -21.64
CA ARG A 369 -8.43 35.52 -22.08
C ARG A 369 -7.55 36.68 -21.66
N GLU B 21 -17.97 -0.44 -29.35
CA GLU B 21 -19.02 -0.52 -28.26
C GLU B 21 -18.83 -1.74 -27.43
N PRO B 22 -19.39 -1.77 -26.21
CA PRO B 22 -19.55 -0.77 -25.15
C PRO B 22 -18.64 -1.00 -23.93
N LEU B 23 -17.91 -2.13 -23.89
CA LEU B 23 -16.91 -2.37 -22.85
C LEU B 23 -15.58 -1.87 -23.35
N TYR B 24 -15.04 -0.89 -22.65
CA TYR B 24 -13.77 -0.22 -23.04
C TYR B 24 -12.66 -1.19 -23.40
N SER B 25 -12.53 -2.25 -22.61
CA SER B 25 -11.44 -3.23 -22.74
C SER B 25 -11.57 -4.16 -23.93
N LEU B 26 -12.76 -4.25 -24.51
CA LEU B 26 -12.97 -5.14 -25.66
C LEU B 26 -12.95 -4.39 -26.99
N ARG B 27 -12.91 -3.06 -26.95
CA ARG B 27 -12.90 -2.28 -28.19
C ARG B 27 -11.67 -2.65 -28.99
N PRO B 28 -11.79 -2.69 -30.33
CA PRO B 28 -10.68 -3.08 -31.22
C PRO B 28 -9.40 -2.30 -30.97
N GLU B 29 -9.54 -1.00 -30.76
CA GLU B 29 -8.41 -0.09 -30.62
C GLU B 29 -7.64 -0.32 -29.31
N HIS B 30 -8.29 -0.99 -28.35
CA HIS B 30 -7.68 -1.33 -27.08
C HIS B 30 -6.39 -2.14 -27.26
N ALA B 31 -6.30 -2.89 -28.35
CA ALA B 31 -5.12 -3.70 -28.68
C ALA B 31 -3.87 -2.86 -28.84
N ARG B 32 -4.06 -1.56 -29.10
CA ARG B 32 -2.95 -0.62 -29.28
C ARG B 32 -2.34 -0.25 -27.94
N GLU B 33 -3.08 -0.49 -26.85
CA GLU B 33 -2.60 -0.24 -25.49
C GLU B 33 -1.64 -1.32 -24.94
N ARG B 34 -1.31 -2.33 -25.73
CA ARG B 34 -0.34 -3.34 -25.32
C ARG B 34 1.07 -2.73 -25.22
N LEU B 35 1.90 -3.42 -24.45
CA LEU B 35 3.23 -2.95 -24.08
C LEU B 35 4.11 -2.80 -25.29
N GLN B 36 4.75 -1.64 -25.40
CA GLN B 36 5.84 -1.44 -26.37
C GLN B 36 7.17 -1.54 -25.65
N ASP B 37 7.87 -2.64 -25.88
CA ASP B 37 9.17 -2.92 -25.26
C ASP B 37 10.42 -2.41 -26.04
N ASP B 38 10.21 -1.72 -27.17
CA ASP B 38 11.31 -1.08 -27.93
C ASP B 38 12.39 -2.09 -28.30
N SER B 39 11.99 -3.33 -28.47
CA SER B 39 12.91 -4.43 -28.70
C SER B 39 13.98 -4.65 -27.61
N VAL B 40 13.87 -3.92 -26.50
CA VAL B 40 14.77 -4.08 -25.36
C VAL B 40 14.04 -4.83 -24.24
N GLU B 41 14.37 -6.12 -24.11
CA GLU B 41 13.77 -6.99 -23.10
C GLU B 41 14.54 -6.91 -21.79
N THR B 42 13.84 -6.60 -20.70
CA THR B 42 14.38 -6.78 -19.35
C THR B 42 13.39 -7.62 -18.51
N VAL B 43 13.78 -7.94 -17.28
CA VAL B 43 12.88 -8.64 -16.34
C VAL B 43 11.50 -7.95 -16.27
N THR B 44 11.50 -6.64 -16.08
CA THR B 44 10.31 -5.83 -16.00
C THR B 44 9.35 -5.98 -17.19
N SER B 45 9.89 -5.98 -18.41
CA SER B 45 9.04 -6.00 -19.61
C SER B 45 8.51 -7.38 -19.87
N ILE B 46 9.37 -8.38 -19.68
CA ILE B 46 8.95 -9.79 -19.76
C ILE B 46 7.77 -10.08 -18.82
N GLU B 47 7.84 -9.58 -17.58
CA GLU B 47 6.78 -9.85 -16.60
C GLU B 47 5.50 -9.11 -16.92
N GLN B 48 5.62 -7.88 -17.40
CA GLN B 48 4.44 -7.13 -17.81
C GLN B 48 3.73 -7.78 -19.00
N ALA B 49 4.50 -8.28 -19.97
CA ALA B 49 3.93 -8.92 -21.17
C ALA B 49 3.21 -10.24 -20.86
N LYS B 50 3.74 -10.99 -19.90
CA LYS B 50 3.08 -12.18 -19.37
C LYS B 50 1.69 -11.85 -18.81
N VAL B 51 1.60 -10.79 -17.99
CA VAL B 51 0.33 -10.37 -17.40
C VAL B 51 -0.64 -9.94 -18.50
N GLU B 52 -0.16 -9.12 -19.42
CA GLU B 52 -0.99 -8.61 -20.52
C GLU B 52 -1.50 -9.69 -21.45
N GLU B 53 -0.70 -10.73 -21.63
CA GLU B 53 -1.13 -11.90 -22.36
C GLU B 53 -2.28 -12.62 -21.65
N LYS B 54 -2.16 -12.82 -20.34
CA LYS B 54 -3.22 -13.47 -19.57
C LYS B 54 -4.50 -12.65 -19.59
N ILE B 55 -4.36 -11.33 -19.47
CA ILE B 55 -5.53 -10.47 -19.37
C ILE B 55 -6.25 -10.38 -20.72
N GLN B 56 -5.49 -10.31 -21.80
CA GLN B 56 -6.04 -10.30 -23.14
C GLN B 56 -6.89 -11.55 -23.39
N GLU B 57 -6.40 -12.70 -22.95
CA GLU B 57 -7.19 -13.93 -23.01
C GLU B 57 -8.52 -13.76 -22.30
N VAL B 58 -8.51 -13.15 -21.12
CA VAL B 58 -9.77 -12.94 -20.40
C VAL B 58 -10.68 -12.03 -21.22
N PHE B 59 -10.15 -10.91 -21.69
CA PHE B 59 -10.94 -9.97 -22.47
C PHE B 59 -11.49 -10.68 -23.74
N SER B 60 -10.65 -11.47 -24.39
CA SER B 60 -11.00 -12.14 -25.64
C SER B 60 -12.00 -13.31 -25.50
N SER B 61 -12.08 -13.92 -24.32
CA SER B 61 -12.79 -15.20 -24.17
C SER B 61 -14.23 -15.18 -24.68
N TYR B 62 -14.89 -14.01 -24.57
CA TYR B 62 -16.28 -13.84 -25.04
C TYR B 62 -16.37 -14.09 -26.55
N LYS B 63 -15.57 -13.34 -27.29
CA LYS B 63 -15.45 -13.49 -28.74
C LYS B 63 -15.09 -14.91 -29.13
N PHE B 64 -14.08 -15.50 -28.50
CA PHE B 64 -13.62 -16.84 -28.89
C PHE B 64 -14.70 -17.88 -28.64
N ASN B 65 -15.48 -17.68 -27.57
CA ASN B 65 -16.57 -18.58 -27.23
C ASN B 65 -17.93 -18.19 -27.85
N HIS B 66 -17.96 -17.08 -28.59
CA HIS B 66 -19.13 -16.64 -29.32
C HIS B 66 -20.32 -16.44 -28.39
N LEU B 67 -20.07 -15.67 -27.33
CA LEU B 67 -21.09 -15.30 -26.38
C LEU B 67 -21.06 -13.79 -26.14
N VAL B 68 -22.24 -13.18 -25.90
CA VAL B 68 -22.31 -11.77 -25.53
C VAL B 68 -21.74 -11.57 -24.13
N PRO B 69 -20.80 -10.62 -23.96
CA PRO B 69 -20.34 -10.21 -22.61
C PRO B 69 -21.46 -9.69 -21.70
N ARG B 70 -21.51 -10.20 -20.47
CA ARG B 70 -22.44 -9.69 -19.46
C ARG B 70 -21.61 -9.71 -18.17
N LEU B 71 -21.35 -8.53 -17.63
CA LEU B 71 -20.58 -8.40 -16.39
C LEU B 71 -21.49 -8.48 -15.17
N VAL B 72 -21.27 -9.51 -14.37
CA VAL B 72 -22.07 -9.75 -13.18
C VAL B 72 -21.16 -9.92 -11.98
N LEU B 73 -21.46 -9.15 -10.94
CA LEU B 73 -20.88 -9.33 -9.64
C LEU B 73 -21.63 -10.49 -8.96
N GLN B 74 -20.88 -11.53 -8.60
CA GLN B 74 -21.41 -12.78 -8.09
C GLN B 74 -21.68 -12.64 -6.60
N ARG B 75 -22.62 -11.76 -6.28
CA ARG B 75 -22.94 -11.40 -4.89
C ARG B 75 -23.16 -12.59 -3.96
N GLU B 76 -23.98 -13.54 -4.42
CA GLU B 76 -24.38 -14.63 -3.54
C GLU B 76 -23.18 -15.53 -3.25
N LYS B 77 -22.38 -15.84 -4.28
CA LYS B 77 -21.14 -16.58 -4.08
C LYS B 77 -20.23 -15.84 -3.10
N HIS B 78 -20.05 -14.53 -3.32
CA HIS B 78 -19.20 -13.76 -2.40
C HIS B 78 -19.75 -13.81 -0.97
N PHE B 79 -21.06 -13.62 -0.82
CA PHE B 79 -21.71 -13.65 0.49
C PHE B 79 -21.50 -14.97 1.28
N HIS B 80 -21.59 -16.09 0.61
CA HIS B 80 -21.43 -17.37 1.29
CA HIS B 80 -21.41 -17.42 1.22
C HIS B 80 -19.98 -17.61 1.69
N TYR B 81 -19.05 -17.16 0.85
CA TYR B 81 -17.61 -17.26 1.16
C TYR B 81 -17.31 -16.47 2.44
N LEU B 82 -17.91 -15.29 2.55
CA LEU B 82 -17.70 -14.37 3.64
C LEU B 82 -18.38 -14.84 4.91
N LYS B 83 -19.66 -15.19 4.77
CA LYS B 83 -20.47 -15.73 5.88
C LYS B 83 -19.72 -16.84 6.65
N ARG B 84 -19.12 -17.75 5.88
CA ARG B 84 -18.37 -18.86 6.43
C ARG B 84 -17.03 -18.42 7.07
N GLY B 85 -16.23 -17.65 6.34
CA GLY B 85 -14.97 -17.15 6.84
C GLY B 85 -15.12 -16.35 8.13
N LEU B 86 -16.24 -15.69 8.29
CA LEU B 86 -16.45 -14.93 9.53
C LEU B 86 -16.43 -15.83 10.76
N ARG B 87 -16.69 -17.12 10.54
CA ARG B 87 -16.71 -18.06 11.63
C ARG B 87 -15.51 -18.95 11.66
N GLN B 88 -15.07 -19.40 10.49
CA GLN B 88 -14.08 -20.44 10.42
C GLN B 88 -13.18 -20.30 9.20
N LEU B 89 -11.88 -20.54 9.40
CA LEU B 89 -10.89 -20.37 8.35
C LEU B 89 -10.04 -21.63 8.30
N THR B 90 -9.57 -21.98 7.10
CA THR B 90 -8.67 -23.11 6.94
C THR B 90 -7.28 -22.76 7.48
N ASP B 91 -6.43 -23.79 7.58
CA ASP B 91 -5.09 -23.61 8.09
C ASP B 91 -4.19 -22.84 7.12
N ALA B 92 -4.72 -22.49 5.94
CA ALA B 92 -4.09 -21.53 5.04
C ALA B 92 -3.98 -20.14 5.68
N TYR B 93 -4.87 -19.83 6.63
CA TYR B 93 -4.83 -18.59 7.37
C TYR B 93 -3.96 -18.59 8.65
N GLU B 94 -3.19 -19.65 8.85
CA GLU B 94 -2.16 -19.70 9.90
C GLU B 94 -1.18 -18.52 9.84
N CYS B 95 -0.84 -18.07 8.63
CA CYS B 95 -0.02 -16.87 8.41
C CYS B 95 -0.66 -15.58 8.90
N LEU B 96 -1.95 -15.61 9.18
CA LEU B 96 -2.68 -14.47 9.68
C LEU B 96 -3.17 -14.63 11.11
N ASP B 97 -2.55 -15.57 11.85
CA ASP B 97 -2.86 -15.81 13.25
C ASP B 97 -2.50 -14.64 14.20
N ALA B 98 -1.58 -13.77 13.79
CA ALA B 98 -1.31 -12.51 14.51
C ALA B 98 -2.07 -11.28 13.94
N SER B 99 -3.11 -11.56 13.17
CA SER B 99 -3.86 -10.51 12.46
C SER B 99 -5.34 -10.81 12.44
N ARG B 100 -5.88 -11.48 13.45
CA ARG B 100 -7.31 -11.87 13.36
C ARG B 100 -8.31 -10.70 13.30
N PRO B 101 -8.01 -9.57 13.99
CA PRO B 101 -8.87 -8.44 13.78
C PRO B 101 -8.90 -7.92 12.34
N TRP B 102 -7.81 -8.10 11.57
CA TRP B 102 -7.83 -7.75 10.14
C TRP B 102 -8.92 -8.52 9.43
N LEU B 103 -8.98 -9.81 9.72
CA LEU B 103 -9.98 -10.69 9.11
C LEU B 103 -11.37 -10.26 9.50
N CYS B 104 -11.59 -9.89 10.75
CA CYS B 104 -12.91 -9.36 11.14
C CYS B 104 -13.26 -8.13 10.29
N TYR B 105 -12.32 -7.20 10.14
CA TYR B 105 -12.55 -6.00 9.36
C TYR B 105 -12.77 -6.31 7.89
N TRP B 106 -11.87 -7.07 7.27
CA TRP B 106 -12.05 -7.39 5.84
C TRP B 106 -13.43 -7.95 5.54
N ILE B 107 -13.85 -8.92 6.35
CA ILE B 107 -15.04 -9.70 6.06
C ILE B 107 -16.29 -8.85 6.35
N LEU B 108 -16.33 -8.25 7.55
CA LEU B 108 -17.41 -7.34 7.89
C LEU B 108 -17.55 -6.18 6.91
N HIS B 109 -16.44 -5.57 6.50
CA HIS B 109 -16.52 -4.50 5.49
C HIS B 109 -17.09 -5.02 4.16
N SER B 110 -16.60 -6.18 3.71
CA SER B 110 -17.11 -6.81 2.50
C SER B 110 -18.64 -7.07 2.54
N LEU B 111 -19.10 -7.61 3.66
CA LEU B 111 -20.55 -7.80 3.88
C LEU B 111 -21.32 -6.48 3.85
N GLU B 112 -20.79 -5.46 4.51
CA GLU B 112 -21.38 -4.10 4.50
C GLU B 112 -21.48 -3.52 3.08
N LEU B 113 -20.44 -3.69 2.28
CA LEU B 113 -20.45 -3.23 0.89
C LEU B 113 -21.48 -3.96 0.02
N LEU B 114 -21.65 -5.26 0.30
CA LEU B 114 -22.62 -6.10 -0.39
C LEU B 114 -24.06 -5.97 0.14
N ASP B 115 -24.22 -5.09 1.13
CA ASP B 115 -25.51 -4.75 1.73
C ASP B 115 -26.15 -5.94 2.48
N GLU B 116 -25.29 -6.74 3.10
CA GLU B 116 -25.72 -7.92 3.86
C GLU B 116 -25.70 -7.60 5.32
N PRO B 117 -26.85 -7.74 6.01
CA PRO B 117 -26.89 -7.33 7.41
C PRO B 117 -26.08 -8.25 8.33
N ILE B 118 -25.70 -7.75 9.49
CA ILE B 118 -24.90 -8.52 10.44
C ILE B 118 -25.79 -8.99 11.56
N PRO B 119 -26.10 -10.29 11.62
CA PRO B 119 -26.88 -10.78 12.75
C PRO B 119 -26.40 -10.22 14.10
N GLN B 120 -27.34 -9.76 14.91
CA GLN B 120 -27.07 -9.18 16.23
C GLN B 120 -26.14 -10.06 17.08
N ILE B 121 -26.11 -11.36 16.81
CA ILE B 121 -25.33 -12.31 17.58
C ILE B 121 -23.95 -12.63 16.98
N VAL B 122 -23.76 -12.42 15.67
CA VAL B 122 -22.41 -12.37 15.14
C VAL B 122 -21.79 -11.05 15.59
N ALA B 123 -22.57 -9.98 15.55
CA ALA B 123 -22.16 -8.71 16.11
C ALA B 123 -21.66 -8.83 17.55
N THR B 124 -22.43 -9.49 18.41
CA THR B 124 -22.04 -9.63 19.80
C THR B 124 -20.81 -10.55 19.95
N ASP B 125 -20.74 -11.60 19.13
CA ASP B 125 -19.57 -12.50 19.16
C ASP B 125 -18.27 -11.85 18.66
N VAL B 126 -18.39 -10.95 17.68
CA VAL B 126 -17.24 -10.18 17.21
C VAL B 126 -16.76 -9.28 18.31
N CYS B 127 -17.71 -8.55 18.91
CA CYS B 127 -17.43 -7.65 20.04
C CYS B 127 -16.67 -8.36 21.15
N GLN B 128 -17.16 -9.50 21.56
CA GLN B 128 -16.50 -10.29 22.60
C GLN B 128 -15.12 -10.75 22.20
N PHE B 129 -14.96 -11.19 20.96
CA PHE B 129 -13.66 -11.62 20.48
C PHE B 129 -12.66 -10.46 20.52
N LEU B 130 -13.07 -9.30 19.99
CA LEU B 130 -12.19 -8.12 19.97
C LEU B 130 -11.85 -7.61 21.38
N GLU B 131 -12.76 -7.80 22.34
CA GLU B 131 -12.45 -7.50 23.73
C GLU B 131 -11.34 -8.39 24.26
N LEU B 132 -11.35 -9.67 23.88
CA LEU B 132 -10.28 -10.57 24.27
C LEU B 132 -8.93 -10.17 23.68
N CYS B 133 -8.96 -9.52 22.52
CA CYS B 133 -7.78 -9.02 21.81
C CYS B 133 -7.26 -7.71 22.38
N GLN B 134 -8.11 -6.95 23.05
CA GLN B 134 -7.71 -5.67 23.61
C GLN B 134 -6.70 -5.85 24.73
N SER B 135 -5.69 -5.00 24.74
CA SER B 135 -4.65 -5.10 25.76
C SER B 135 -5.01 -4.25 26.99
N PRO B 136 -4.65 -4.72 28.20
CA PRO B 136 -4.95 -3.93 29.41
C PRO B 136 -4.24 -2.58 29.41
N ASP B 137 -3.18 -2.48 28.63
CA ASP B 137 -2.44 -1.24 28.47
C ASP B 137 -2.89 -0.39 27.26
N GLY B 138 -3.95 -0.84 26.58
CA GLY B 138 -4.55 -0.08 25.48
C GLY B 138 -4.16 -0.61 24.12
N GLY B 139 -5.01 -0.34 23.13
CA GLY B 139 -4.83 -0.91 21.80
C GLY B 139 -5.28 -2.37 21.71
N PHE B 140 -5.23 -2.91 20.50
CA PHE B 140 -5.61 -4.29 20.27
C PHE B 140 -4.45 -5.04 19.69
N GLY B 141 -4.32 -6.31 20.07
CA GLY B 141 -3.35 -7.23 19.45
C GLY B 141 -3.96 -8.11 18.38
N GLY B 142 -3.15 -9.00 17.80
CA GLY B 142 -3.59 -9.85 16.67
C GLY B 142 -4.48 -11.03 17.05
N GLY B 143 -4.63 -11.21 18.34
CA GLY B 143 -5.42 -12.26 18.90
C GLY B 143 -5.30 -12.21 20.42
N PRO B 144 -6.10 -13.04 21.11
CA PRO B 144 -6.16 -13.02 22.56
C PRO B 144 -4.78 -13.26 23.15
N GLY B 145 -4.40 -12.39 24.09
CA GLY B 145 -3.10 -12.48 24.73
C GLY B 145 -1.91 -12.00 23.91
N GLN B 146 -2.14 -11.53 22.68
CA GLN B 146 -1.05 -10.98 21.88
C GLN B 146 -0.83 -9.53 22.29
N TYR B 147 0.41 -9.06 22.23
CA TYR B 147 0.68 -7.68 22.49
C TYR B 147 -0.02 -6.76 21.47
N PRO B 148 -0.30 -5.51 21.88
CA PRO B 148 -0.97 -4.56 20.97
C PRO B 148 -0.10 -4.07 19.84
N HIS B 149 -0.74 -3.65 18.76
CA HIS B 149 -0.05 -3.22 17.56
C HIS B 149 -1.06 -2.31 16.86
N LEU B 150 -0.57 -1.29 16.16
CA LEU B 150 -1.45 -0.30 15.51
C LEU B 150 -2.30 -0.84 14.38
N ALA B 151 -1.80 -1.88 13.69
CA ALA B 151 -2.55 -2.46 12.56
C ALA B 151 -3.82 -3.20 13.01
N PRO B 152 -3.68 -4.19 13.91
CA PRO B 152 -4.87 -4.75 14.54
C PRO B 152 -5.73 -3.77 15.38
N THR B 153 -5.14 -2.70 15.92
CA THR B 153 -5.93 -1.63 16.59
C THR B 153 -6.87 -0.89 15.62
N TYR B 154 -6.33 -0.50 14.49
CA TYR B 154 -7.09 0.06 13.39
C TYR B 154 -8.23 -0.85 12.91
N ALA B 155 -7.93 -2.13 12.77
CA ALA B 155 -8.85 -3.11 12.22
C ALA B 155 -9.96 -3.36 13.21
N ALA B 156 -9.60 -3.52 14.49
CA ALA B 156 -10.56 -3.71 15.56
C ALA B 156 -11.54 -2.54 15.66
N VAL B 157 -11.02 -1.32 15.71
CA VAL B 157 -11.82 -0.10 15.80
C VAL B 157 -12.71 0.10 14.58
N ASN B 158 -12.21 -0.22 13.41
CA ASN B 158 -13.06 -0.15 12.22
C ASN B 158 -14.17 -1.20 12.22
N ALA B 159 -13.85 -2.40 12.69
CA ALA B 159 -14.80 -3.49 12.74
C ALA B 159 -15.95 -3.11 13.68
N LEU B 160 -15.57 -2.65 14.87
CA LEU B 160 -16.50 -2.18 15.91
C LEU B 160 -17.42 -1.05 15.41
N CYS B 161 -16.87 -0.10 14.67
CA CYS B 161 -17.68 0.96 14.07
C CYS B 161 -18.63 0.45 12.99
N ILE B 162 -18.18 -0.50 12.15
CA ILE B 162 -19.06 -1.15 11.18
C ILE B 162 -20.23 -1.79 11.90
N ILE B 163 -19.98 -2.45 13.02
CA ILE B 163 -21.05 -3.08 13.81
C ILE B 163 -21.95 -2.01 14.40
N GLY B 164 -21.35 -0.97 14.97
CA GLY B 164 -22.04 0.29 15.21
C GLY B 164 -23.05 0.37 16.35
N THR B 165 -23.15 -0.68 17.15
CA THR B 165 -24.03 -0.67 18.30
C THR B 165 -23.34 0.00 19.49
N GLU B 166 -24.12 0.21 20.56
CA GLU B 166 -23.60 0.77 21.83
C GLU B 166 -22.64 -0.21 22.50
N GLU B 167 -22.94 -1.50 22.38
CA GLU B 167 -22.03 -2.54 22.82
C GLU B 167 -20.65 -2.42 22.17
N ALA B 168 -20.64 -2.21 20.85
CA ALA B 168 -19.42 -2.25 20.06
C ALA B 168 -18.56 -1.06 20.39
N TYR B 169 -19.21 0.11 20.51
CA TYR B 169 -18.54 1.34 20.92
C TYR B 169 -17.95 1.22 22.32
N ASN B 170 -18.70 0.58 23.21
CA ASN B 170 -18.28 0.47 24.60
C ASN B 170 -17.09 -0.46 24.82
N VAL B 171 -16.83 -1.38 23.88
CA VAL B 171 -15.64 -2.26 23.94
C VAL B 171 -14.32 -1.47 24.07
N ILE B 172 -14.22 -0.37 23.34
CA ILE B 172 -12.99 0.42 23.28
C ILE B 172 -12.73 1.18 24.60
N ASN B 173 -11.53 1.02 25.15
CA ASN B 173 -11.08 1.79 26.28
C ASN B 173 -10.32 2.95 25.75
N ARG B 174 -11.00 4.09 25.72
CA ARG B 174 -10.50 5.27 25.06
C ARG B 174 -9.29 5.86 25.79
N GLU B 175 -9.30 5.72 27.12
CA GLU B 175 -8.27 6.31 27.98
C GLU B 175 -6.94 5.58 27.73
N LYS B 176 -7.01 4.24 27.78
CA LYS B 176 -5.85 3.38 27.52
C LYS B 176 -5.39 3.55 26.08
N LEU B 177 -6.36 3.62 25.17
CA LEU B 177 -6.04 3.81 23.77
C LEU B 177 -5.15 5.03 23.61
N LEU B 178 -5.51 6.13 24.26
CA LEU B 178 -4.74 7.39 24.15
C LEU B 178 -3.37 7.23 24.76
N GLN B 179 -3.28 6.54 25.91
CA GLN B 179 -1.98 6.23 26.50
C GLN B 179 -1.10 5.47 25.52
N TYR B 180 -1.66 4.37 24.99
CA TYR B 180 -0.98 3.57 23.97
C TYR B 180 -0.42 4.43 22.83
N LEU B 181 -1.22 5.34 22.26
CA LEU B 181 -0.75 6.16 21.12
C LEU B 181 0.44 7.06 21.51
N TYR B 182 0.38 7.64 22.71
CA TYR B 182 1.47 8.46 23.23
C TYR B 182 2.73 7.63 23.42
N SER B 183 2.56 6.37 23.84
CA SER B 183 3.70 5.47 24.03
C SER B 183 4.43 5.19 22.74
N LEU B 184 3.74 5.36 21.60
CA LEU B 184 4.32 5.09 20.30
C LEU B 184 4.88 6.31 19.58
N LYS B 185 4.40 7.49 19.97
CA LYS B 185 4.82 8.79 19.40
C LYS B 185 6.33 9.06 19.55
N GLN B 186 6.97 9.44 18.45
CA GLN B 186 8.39 9.82 18.40
C GLN B 186 8.57 11.35 18.32
N PRO B 187 9.72 11.85 18.80
CA PRO B 187 10.07 13.28 18.67
C PRO B 187 9.96 13.87 17.25
N ASP B 188 10.35 13.13 16.21
CA ASP B 188 10.33 13.69 14.85
C ASP B 188 8.93 13.78 14.20
N GLY B 189 7.87 13.47 14.94
CA GLY B 189 6.53 13.48 14.37
C GLY B 189 5.92 12.09 14.07
N SER B 190 6.76 11.09 13.91
CA SER B 190 6.34 9.73 13.56
C SER B 190 5.83 8.92 14.74
N PHE B 191 5.27 7.74 14.42
CA PHE B 191 4.86 6.74 15.41
C PHE B 191 5.50 5.38 15.15
N LEU B 192 5.80 4.63 16.21
CA LEU B 192 6.13 3.21 16.05
C LEU B 192 4.84 2.44 15.73
N MET B 193 4.97 1.31 15.03
CA MET B 193 3.82 0.42 14.79
C MET B 193 3.38 -0.26 16.08
N HIS B 194 4.35 -0.60 16.91
CA HIS B 194 4.12 -1.20 18.21
C HIS B 194 5.37 -0.92 19.08
N VAL B 195 5.27 -1.14 20.37
CA VAL B 195 6.42 -0.96 21.25
C VAL B 195 7.53 -1.90 20.79
N GLY B 196 8.74 -1.36 20.70
CA GLY B 196 9.88 -2.09 20.19
C GLY B 196 9.82 -2.36 18.69
N GLY B 197 8.85 -1.75 18.00
CA GLY B 197 8.65 -1.95 16.55
C GLY B 197 9.35 -0.84 15.82
N GLU B 198 9.13 -0.70 14.51
CA GLU B 198 9.65 0.54 13.90
C GLU B 198 8.60 1.39 13.18
N VAL B 199 9.06 2.51 12.64
CA VAL B 199 8.19 3.55 12.18
C VAL B 199 8.03 3.58 10.68
N ASP B 200 6.92 4.17 10.29
CA ASP B 200 6.30 3.90 9.05
C ASP B 200 5.17 4.88 8.88
N VAL B 201 4.89 5.32 7.66
CA VAL B 201 3.72 6.16 7.43
C VAL B 201 2.40 5.44 7.70
N ARG B 202 2.39 4.11 7.61
CA ARG B 202 1.19 3.34 8.00
C ARG B 202 0.78 3.66 9.41
N SER B 203 1.75 3.84 10.31
CA SER B 203 1.45 3.99 11.73
C SER B 203 0.74 5.31 12.01
N ALA B 204 1.09 6.33 11.23
CA ALA B 204 0.50 7.65 11.39
C ALA B 204 -0.97 7.59 10.98
N TYR B 205 -1.25 6.95 9.84
CA TYR B 205 -2.63 6.69 9.44
C TYR B 205 -3.41 5.87 10.48
N CYS B 206 -2.86 4.74 10.92
CA CYS B 206 -3.55 3.92 11.91
C CYS B 206 -3.86 4.76 13.16
N ALA B 207 -2.88 5.54 13.61
CA ALA B 207 -3.06 6.41 14.78
C ALA B 207 -4.14 7.50 14.53
N ALA B 208 -4.03 8.21 13.41
CA ALA B 208 -5.01 9.29 13.09
C ALA B 208 -6.44 8.74 12.86
N SER B 209 -6.56 7.55 12.26
CA SER B 209 -7.85 6.93 12.04
C SER B 209 -8.54 6.58 13.34
N VAL B 210 -7.85 5.85 14.18
CA VAL B 210 -8.40 5.44 15.46
C VAL B 210 -8.66 6.64 16.41
N ALA B 211 -7.73 7.61 16.45
CA ALA B 211 -7.86 8.82 17.31
C ALA B 211 -9.06 9.67 16.90
N SER B 212 -9.19 9.94 15.60
CA SER B 212 -10.28 10.77 15.09
C SER B 212 -11.62 10.11 15.29
N LEU B 213 -11.76 8.83 14.96
CA LEU B 213 -13.04 8.15 15.14
C LEU B 213 -13.50 8.13 16.59
N THR B 214 -12.57 7.94 17.52
CA THR B 214 -12.94 7.80 18.94
C THR B 214 -12.80 9.12 19.74
N ASN B 215 -12.52 10.23 19.07
CA ASN B 215 -12.42 11.54 19.72
C ASN B 215 -11.40 11.57 20.89
N ILE B 216 -10.14 11.23 20.62
CA ILE B 216 -9.13 11.26 21.67
C ILE B 216 -7.94 12.12 21.24
N ILE B 217 -8.13 12.91 20.19
CA ILE B 217 -7.08 13.77 19.68
C ILE B 217 -6.86 14.96 20.61
N THR B 218 -5.61 15.10 21.07
CA THR B 218 -5.22 16.17 21.94
C THR B 218 -4.51 17.19 21.07
N PRO B 219 -4.25 18.39 21.63
CA PRO B 219 -3.59 19.42 20.81
C PRO B 219 -2.17 19.06 20.39
N ASP B 220 -1.49 18.23 21.19
CA ASP B 220 -0.11 17.84 20.86
C ASP B 220 0.09 16.39 20.34
N LEU B 221 -0.95 15.55 20.36
CA LEU B 221 -0.80 14.15 19.87
C LEU B 221 -0.09 14.05 18.52
N PHE B 222 -0.52 14.87 17.57
CA PHE B 222 -0.02 14.79 16.21
C PHE B 222 0.93 15.93 15.82
N GLU B 223 1.55 16.54 16.81
CA GLU B 223 2.51 17.61 16.59
C GLU B 223 3.71 17.03 15.88
N GLY B 224 4.06 17.60 14.73
CA GLY B 224 5.17 17.14 13.91
C GLY B 224 4.81 16.12 12.84
N THR B 225 3.65 15.51 12.97
CA THR B 225 3.25 14.35 12.18
C THR B 225 3.03 14.69 10.71
N ALA B 226 2.36 15.81 10.42
CA ALA B 226 2.17 16.23 9.02
C ALA B 226 3.48 16.51 8.34
N GLU B 227 4.43 17.07 9.09
CA GLU B 227 5.73 17.38 8.51
C GLU B 227 6.50 16.12 8.25
N TRP B 228 6.45 15.19 9.19
CA TRP B 228 7.07 13.89 8.96
C TRP B 228 6.45 13.23 7.71
N ILE B 229 5.13 13.20 7.62
CA ILE B 229 4.48 12.63 6.42
C ILE B 229 4.92 13.34 5.14
N ALA B 230 4.99 14.68 5.19
CA ALA B 230 5.39 15.48 4.04
C ALA B 230 6.82 15.18 3.57
N ARG B 231 7.70 14.87 4.52
CA ARG B 231 9.04 14.38 4.18
C ARG B 231 9.07 13.07 3.38
N CYS B 232 7.98 12.30 3.44
CA CYS B 232 7.91 11.00 2.74
C CYS B 232 7.55 11.13 1.24
N GLN B 233 6.98 12.26 0.83
CA GLN B 233 6.75 12.53 -0.60
C GLN B 233 8.09 12.69 -1.30
N ASN B 234 8.26 12.10 -2.47
CA ASN B 234 9.55 12.05 -3.15
C ASN B 234 9.53 12.62 -4.59
N TRP B 235 10.67 12.56 -5.25
CA TRP B 235 10.79 13.02 -6.64
C TRP B 235 9.71 12.51 -7.62
N GLU B 236 9.03 11.42 -7.27
CA GLU B 236 7.99 10.83 -8.14
C GLU B 236 6.63 11.50 -8.00
N GLY B 237 6.38 12.17 -6.89
CA GLY B 237 5.05 12.72 -6.63
C GLY B 237 4.30 11.98 -5.54
N GLY B 238 4.54 10.66 -5.46
CA GLY B 238 3.95 9.84 -4.42
C GLY B 238 4.73 9.86 -3.11
N ILE B 239 4.25 9.02 -2.17
CA ILE B 239 4.78 8.90 -0.82
C ILE B 239 5.36 7.47 -0.61
N GLY B 240 6.56 7.44 -0.03
CA GLY B 240 7.21 6.20 0.39
C GLY B 240 6.99 5.96 1.85
N GLY B 241 7.38 4.78 2.33
CA GLY B 241 7.10 4.40 3.73
C GLY B 241 7.84 5.23 4.75
N VAL B 242 9.06 5.61 4.39
CA VAL B 242 9.89 6.53 5.18
C VAL B 242 10.60 7.45 4.18
N PRO B 243 11.10 8.63 4.64
CA PRO B 243 11.83 9.55 3.73
C PRO B 243 12.98 8.91 2.95
N GLY B 244 12.98 9.14 1.65
CA GLY B 244 13.98 8.57 0.73
C GLY B 244 13.53 7.35 -0.06
N MET B 245 12.43 6.72 0.38
CA MET B 245 11.98 5.46 -0.24
C MET B 245 11.00 5.66 -1.40
N GLU B 246 10.99 4.69 -2.31
CA GLU B 246 10.17 4.70 -3.50
C GLU B 246 8.71 4.97 -3.16
N ALA B 247 8.05 5.69 -4.04
CA ALA B 247 6.63 5.99 -3.92
C ALA B 247 5.80 4.71 -4.15
N HIS B 248 4.81 4.50 -3.29
CA HIS B 248 3.96 3.31 -3.33
C HIS B 248 2.54 3.67 -2.97
N GLY B 249 1.58 3.08 -3.66
CA GLY B 249 0.17 3.37 -3.37
C GLY B 249 -0.29 3.10 -1.96
N GLY B 250 0.26 2.06 -1.32
CA GLY B 250 -0.14 1.74 0.02
C GLY B 250 0.21 2.84 0.99
N TYR B 251 1.46 3.26 0.89
CA TYR B 251 2.00 4.36 1.69
C TYR B 251 1.43 5.72 1.26
N THR B 252 1.15 5.92 -0.04
CA THR B 252 0.59 7.22 -0.48
C THR B 252 -0.83 7.38 0.08
N PHE B 253 -1.62 6.30 0.10
CA PHE B 253 -2.93 6.31 0.72
C PHE B 253 -2.83 6.66 2.18
N CYS B 254 -2.03 5.92 2.94
CA CYS B 254 -1.87 6.18 4.36
C CYS B 254 -1.44 7.63 4.63
N GLY B 255 -0.50 8.14 3.84
CA GLY B 255 0.01 9.51 4.02
C GLY B 255 -1.05 10.58 3.73
N LEU B 256 -1.62 10.53 2.53
CA LEU B 256 -2.69 11.48 2.19
C LEU B 256 -3.86 11.37 3.16
N ALA B 257 -4.41 10.18 3.36
CA ALA B 257 -5.56 10.01 4.28
C ALA B 257 -5.33 10.52 5.70
N ALA B 258 -4.11 10.30 6.22
CA ALA B 258 -3.77 10.81 7.54
C ALA B 258 -3.79 12.35 7.52
N LEU B 259 -3.22 12.94 6.47
CA LEU B 259 -3.18 14.42 6.33
C LEU B 259 -4.59 15.03 6.16
N VAL B 260 -5.48 14.34 5.45
CA VAL B 260 -6.91 14.73 5.47
C VAL B 260 -7.55 14.71 6.84
N ILE B 261 -7.23 13.72 7.65
CA ILE B 261 -7.78 13.70 9.01
C ILE B 261 -7.19 14.83 9.86
N LEU B 262 -5.93 15.18 9.62
CA LEU B 262 -5.26 16.23 10.38
C LEU B 262 -5.46 17.62 9.74
N LYS B 263 -6.16 17.69 8.60
CA LYS B 263 -6.35 18.95 7.86
C LYS B 263 -5.05 19.57 7.35
N LYS B 264 -4.06 18.74 7.06
CA LYS B 264 -2.76 19.25 6.67
C LYS B 264 -2.45 18.80 5.28
N GLU B 265 -3.48 18.35 4.58
CA GLU B 265 -3.36 17.95 3.18
C GLU B 265 -2.51 18.95 2.35
N ARG B 266 -2.56 20.23 2.73
CA ARG B 266 -1.78 21.32 2.06
C ARG B 266 -0.25 21.15 2.08
N SER B 267 0.26 20.39 3.06
CA SER B 267 1.70 20.16 3.21
C SER B 267 2.33 19.46 2.02
N LEU B 268 1.54 18.67 1.29
CA LEU B 268 2.03 17.96 0.10
C LEU B 268 1.94 18.78 -1.20
N ASN B 269 2.81 18.50 -2.14
CA ASN B 269 2.62 18.90 -3.54
C ASN B 269 1.51 17.98 -4.11
N LEU B 270 0.26 18.44 -3.94
CA LEU B 270 -0.93 17.72 -4.40
C LEU B 270 -0.96 17.48 -5.92
N LYS B 271 -0.25 18.35 -6.64
CA LYS B 271 -0.24 18.31 -8.08
C LYS B 271 0.69 17.22 -8.62
N SER B 272 1.90 17.13 -8.04
CA SER B 272 2.78 15.99 -8.37
C SER B 272 2.14 14.66 -7.90
N LEU B 273 1.44 14.68 -6.76
CA LEU B 273 0.75 13.50 -6.23
C LEU B 273 -0.35 13.05 -7.21
N LEU B 274 -1.16 13.98 -7.69
CA LEU B 274 -2.21 13.69 -8.67
C LEU B 274 -1.64 13.11 -9.94
N GLN B 275 -0.56 13.68 -10.44
CA GLN B 275 -0.01 13.20 -11.68
C GLN B 275 0.54 11.77 -11.48
N TRP B 276 1.07 11.51 -10.28
CA TRP B 276 1.64 10.21 -9.95
C TRP B 276 0.54 9.11 -9.88
N VAL B 277 -0.49 9.27 -9.08
CA VAL B 277 -1.56 8.22 -9.00
C VAL B 277 -2.14 7.92 -10.37
N THR B 278 -2.57 8.97 -11.06
CA THR B 278 -3.23 8.82 -12.32
C THR B 278 -2.37 8.02 -13.25
N SER B 279 -1.06 8.26 -13.18
CA SER B 279 -0.09 7.49 -13.95
C SER B 279 -0.01 6.00 -13.57
N ARG B 280 -0.58 5.64 -12.41
CA ARG B 280 -0.56 4.25 -11.91
C ARG B 280 -1.67 3.35 -12.46
N GLN B 281 -2.63 3.91 -13.20
CA GLN B 281 -3.67 3.10 -13.81
C GLN B 281 -3.05 2.52 -15.07
N MET B 282 -3.25 1.22 -15.29
CA MET B 282 -2.61 0.55 -16.40
C MET B 282 -3.45 0.75 -17.65
N ARG B 283 -2.82 1.21 -18.73
CA ARG B 283 -3.53 1.54 -19.98
C ARG B 283 -4.22 0.31 -20.57
N PHE B 284 -3.58 -0.86 -20.45
CA PHE B 284 -4.16 -2.07 -20.99
C PHE B 284 -5.11 -2.74 -19.98
N GLU B 285 -4.62 -3.04 -18.78
CA GLU B 285 -5.37 -3.85 -17.84
C GLU B 285 -6.57 -3.11 -17.28
N GLY B 286 -6.41 -1.80 -17.06
CA GLY B 286 -7.50 -0.97 -16.50
C GLY B 286 -7.42 -0.82 -14.99
N GLY B 287 -6.82 -1.81 -14.31
CA GLY B 287 -6.55 -1.72 -12.89
C GLY B 287 -5.34 -0.84 -12.61
N PHE B 288 -4.99 -0.74 -11.32
CA PHE B 288 -3.82 0.02 -10.86
C PHE B 288 -2.63 -0.88 -10.40
N GLN B 289 -1.41 -0.39 -10.64
CA GLN B 289 -0.18 -0.93 -10.09
C GLN B 289 0.17 -0.19 -8.80
N GLY B 290 1.10 -0.72 -8.01
CA GLY B 290 1.43 -0.15 -6.71
C GLY B 290 2.52 0.92 -6.80
N ARG B 291 3.37 0.75 -7.79
CA ARG B 291 4.47 1.63 -8.06
C ARG B 291 4.77 1.49 -9.52
N CYS B 292 5.60 2.40 -10.02
CA CYS B 292 5.95 2.47 -11.43
C CYS B 292 6.78 1.29 -11.86
N ASN B 293 6.46 0.81 -13.06
CA ASN B 293 7.08 -0.35 -13.67
C ASN B 293 6.86 -1.68 -12.89
N LYS B 294 5.84 -1.73 -12.02
CA LYS B 294 5.40 -3.01 -11.45
C LYS B 294 4.01 -3.46 -11.98
N LEU B 295 3.44 -4.53 -11.41
CA LEU B 295 2.29 -5.22 -12.02
C LEU B 295 0.95 -4.73 -11.46
N VAL B 296 -0.09 -4.83 -12.27
CA VAL B 296 -1.44 -4.58 -11.81
C VAL B 296 -1.79 -5.53 -10.62
N ASP B 297 -2.70 -5.08 -9.75
CA ASP B 297 -3.18 -5.80 -8.59
C ASP B 297 -4.47 -4.99 -8.29
N GLY B 298 -5.67 -5.54 -8.30
CA GLY B 298 -6.27 -6.25 -7.26
C GLY B 298 -6.65 -5.20 -6.21
N CYS B 299 -5.84 -5.16 -5.17
CA CYS B 299 -6.16 -4.39 -3.98
C CYS B 299 -5.91 -2.89 -4.17
N TYR B 300 -5.13 -2.55 -5.18
CA TYR B 300 -4.85 -1.14 -5.52
C TYR B 300 -6.06 -0.41 -6.14
N SER B 301 -7.06 -1.17 -6.56
CA SER B 301 -8.42 -0.64 -6.81
C SER B 301 -8.85 0.25 -5.66
N PHE B 302 -8.46 -0.10 -4.43
CA PHE B 302 -8.74 0.77 -3.30
C PHE B 302 -7.57 1.72 -2.96
N TRP B 303 -6.37 1.16 -2.75
CA TRP B 303 -5.27 2.00 -2.23
C TRP B 303 -4.85 3.10 -3.18
N GLN B 304 -4.83 2.83 -4.48
CA GLN B 304 -4.50 3.86 -5.47
C GLN B 304 -5.76 4.69 -5.80
N ALA B 305 -6.83 4.04 -6.31
CA ALA B 305 -8.02 4.78 -6.76
C ALA B 305 -8.72 5.57 -5.66
N GLY B 306 -8.67 5.08 -4.43
CA GLY B 306 -9.19 5.81 -3.26
C GLY B 306 -8.45 7.12 -2.98
N LEU B 307 -7.29 7.31 -3.60
CA LEU B 307 -6.63 8.63 -3.52
C LEU B 307 -7.45 9.72 -4.26
N LEU B 308 -8.15 9.34 -5.33
CA LEU B 308 -8.82 10.32 -6.18
C LEU B 308 -9.92 11.08 -5.49
N PRO B 309 -10.81 10.37 -4.78
CA PRO B 309 -11.75 11.08 -3.93
C PRO B 309 -11.09 12.02 -2.94
N LEU B 310 -9.95 11.62 -2.35
CA LEU B 310 -9.28 12.46 -1.37
C LEU B 310 -8.65 13.69 -2.02
N LEU B 311 -8.11 13.53 -3.22
CA LEU B 311 -7.51 14.64 -3.94
C LEU B 311 -8.61 15.62 -4.41
N HIS B 312 -9.79 15.09 -4.70
CA HIS B 312 -10.92 15.89 -5.15
C HIS B 312 -11.37 16.83 -4.06
N ARG B 313 -11.58 16.27 -2.87
CA ARG B 313 -12.01 17.01 -1.69
C ARG B 313 -10.96 18.02 -1.24
N ALA B 314 -9.70 17.76 -1.59
CA ALA B 314 -8.59 18.66 -1.20
C ALA B 314 -8.49 19.82 -2.16
N LEU B 315 -8.43 19.52 -3.45
CA LEU B 315 -8.28 20.52 -4.49
C LEU B 315 -9.52 21.42 -4.58
N HIS B 316 -10.67 20.85 -4.23
CA HIS B 316 -11.91 21.59 -4.13
C HIS B 316 -11.86 22.56 -2.96
N ALA B 317 -11.30 22.12 -1.84
CA ALA B 317 -11.12 22.98 -0.67
C ALA B 317 -10.21 24.18 -0.95
N GLN B 318 -9.35 24.06 -1.97
CA GLN B 318 -8.54 25.18 -2.47
C GLN B 318 -9.19 25.96 -3.64
N GLY B 319 -10.44 25.62 -4.00
CA GLY B 319 -11.20 26.34 -5.00
C GLY B 319 -10.92 25.97 -6.45
N ASP B 320 -10.35 24.80 -6.69
CA ASP B 320 -10.02 24.37 -8.06
C ASP B 320 -11.33 24.28 -8.87
N PRO B 321 -11.51 25.22 -9.82
CA PRO B 321 -12.75 25.24 -10.58
C PRO B 321 -12.61 24.46 -11.91
N ALA B 322 -11.49 23.75 -12.09
CA ALA B 322 -11.36 22.86 -13.22
C ALA B 322 -11.88 21.44 -12.88
N LEU B 323 -12.27 21.20 -11.63
CA LEU B 323 -12.70 19.86 -11.15
C LEU B 323 -14.03 19.37 -11.77
N SER B 324 -14.02 18.14 -12.31
CA SER B 324 -15.26 17.50 -12.78
C SER B 324 -16.30 17.50 -11.68
N MET B 325 -17.56 17.64 -12.07
CA MET B 325 -18.69 17.61 -11.13
C MET B 325 -19.44 16.27 -11.23
N SER B 326 -18.94 15.36 -12.08
CA SER B 326 -19.57 14.06 -12.30
C SER B 326 -18.65 12.81 -12.10
N HIS B 327 -17.34 12.94 -12.37
CA HIS B 327 -16.37 11.85 -12.33
C HIS B 327 -15.08 12.13 -11.50
N TRP B 328 -14.56 11.06 -10.88
CA TRP B 328 -13.23 11.08 -10.25
C TRP B 328 -12.18 11.12 -11.34
N MET B 329 -10.97 11.55 -11.02
CA MET B 329 -9.94 11.67 -12.06
C MET B 329 -9.16 10.37 -12.38
N PHE B 330 -9.91 9.26 -12.51
CA PHE B 330 -9.40 8.03 -13.10
C PHE B 330 -10.47 7.38 -14.01
N HIS B 331 -10.09 6.41 -14.84
CA HIS B 331 -11.07 5.75 -15.74
C HIS B 331 -11.86 4.75 -14.90
N GLN B 332 -12.98 5.22 -14.34
CA GLN B 332 -13.86 4.43 -13.51
C GLN B 332 -14.34 3.17 -14.21
N GLN B 333 -14.65 3.31 -15.49
CA GLN B 333 -15.20 2.22 -16.29
C GLN B 333 -14.16 1.14 -16.48
N ALA B 334 -12.93 1.52 -16.83
CA ALA B 334 -11.87 0.55 -17.04
C ALA B 334 -11.53 -0.18 -15.71
N LEU B 335 -11.58 0.50 -14.58
CA LEU B 335 -11.30 -0.17 -13.33
C LEU B 335 -12.40 -1.20 -13.00
N GLN B 336 -13.66 -0.82 -13.22
CA GLN B 336 -14.77 -1.72 -12.99
C GLN B 336 -14.69 -2.95 -13.89
N GLU B 337 -14.25 -2.76 -15.14
CA GLU B 337 -14.08 -3.84 -16.07
C GLU B 337 -12.97 -4.79 -15.63
N TYR B 338 -11.83 -4.23 -15.18
CA TYR B 338 -10.77 -5.04 -14.57
C TYR B 338 -11.29 -5.91 -13.39
N ILE B 339 -11.92 -5.28 -12.42
CA ILE B 339 -12.34 -6.00 -11.23
C ILE B 339 -13.37 -7.10 -11.57
N LEU B 340 -14.40 -6.70 -12.31
CA LEU B 340 -15.51 -7.59 -12.69
C LEU B 340 -15.08 -8.78 -13.57
N MET B 341 -14.24 -8.54 -14.57
CA MET B 341 -13.78 -9.59 -15.47
C MET B 341 -12.55 -10.35 -14.98
N CYS B 342 -11.65 -9.70 -14.26
CA CYS B 342 -10.36 -10.31 -13.97
C CYS B 342 -10.12 -10.66 -12.51
N CYS B 343 -10.97 -10.18 -11.61
CA CYS B 343 -10.67 -10.29 -10.17
C CYS B 343 -11.71 -11.07 -9.36
N GLN B 344 -12.68 -11.70 -10.02
CA GLN B 344 -13.67 -12.52 -9.30
C GLN B 344 -13.32 -13.99 -9.40
N CYS B 345 -13.44 -14.68 -8.27
CA CYS B 345 -13.42 -16.14 -8.28
C CYS B 345 -14.88 -16.64 -8.45
N PRO B 346 -15.10 -17.59 -9.39
CA PRO B 346 -16.44 -18.15 -9.63
C PRO B 346 -17.06 -18.78 -8.40
N ALA B 347 -16.25 -19.42 -7.56
CA ALA B 347 -16.74 -19.98 -6.29
C ALA B 347 -17.00 -18.94 -5.20
N GLY B 348 -16.79 -17.65 -5.49
CA GLY B 348 -16.90 -16.61 -4.46
C GLY B 348 -15.54 -16.10 -4.02
N GLY B 349 -15.48 -14.82 -3.68
CA GLY B 349 -14.25 -14.19 -3.28
C GLY B 349 -13.61 -13.49 -4.44
N LEU B 350 -12.72 -12.53 -4.14
CA LEU B 350 -11.99 -11.80 -5.18
C LEU B 350 -10.47 -11.90 -5.00
N LEU B 351 -9.76 -11.48 -6.03
CA LEU B 351 -8.34 -11.74 -6.07
C LEU B 351 -7.54 -10.62 -6.73
N ASP B 352 -6.22 -10.78 -6.62
CA ASP B 352 -5.18 -9.86 -7.11
C ASP B 352 -5.24 -9.71 -8.64
N LYS B 353 -5.17 -10.83 -9.33
CA LYS B 353 -5.19 -10.89 -10.79
C LYS B 353 -5.47 -12.34 -11.21
N PRO B 354 -5.85 -12.56 -12.48
CA PRO B 354 -6.12 -13.93 -12.93
C PRO B 354 -5.01 -14.91 -12.62
N GLY B 355 -5.38 -16.06 -12.08
CA GLY B 355 -4.38 -17.09 -11.78
C GLY B 355 -3.87 -17.07 -10.35
N LYS B 356 -4.30 -16.06 -9.58
CA LYS B 356 -4.04 -15.99 -8.15
C LYS B 356 -5.23 -16.58 -7.46
N SER B 357 -5.06 -16.88 -6.19
CA SER B 357 -6.09 -17.51 -5.42
C SER B 357 -6.85 -16.45 -4.64
N ARG B 358 -8.12 -16.73 -4.37
CA ARG B 358 -8.99 -15.82 -3.68
C ARG B 358 -8.53 -15.67 -2.24
N ASP B 359 -8.90 -14.57 -1.61
CA ASP B 359 -8.64 -14.39 -0.20
C ASP B 359 -9.50 -13.25 0.33
N PHE B 360 -9.63 -13.15 1.64
CA PHE B 360 -10.55 -12.20 2.23
C PHE B 360 -10.05 -10.74 2.13
N TYR B 361 -8.74 -10.57 1.97
CA TYR B 361 -8.09 -9.26 1.83
C TYR B 361 -8.48 -8.62 0.49
N HIS B 362 -8.24 -9.35 -0.59
CA HIS B 362 -8.65 -8.94 -1.92
C HIS B 362 -10.14 -8.85 -2.11
N THR B 363 -10.90 -9.65 -1.38
CA THR B 363 -12.36 -9.52 -1.36
C THR B 363 -12.74 -8.15 -0.76
N CYS B 364 -12.09 -7.77 0.32
CA CYS B 364 -12.33 -6.45 0.94
C CYS B 364 -11.99 -5.31 -0.04
N TYR B 365 -10.76 -5.28 -0.52
CA TYR B 365 -10.22 -4.11 -1.26
C TYR B 365 -10.62 -4.04 -2.72
N CYS B 366 -10.86 -5.17 -3.34
CA CYS B 366 -11.46 -5.18 -4.67
C CYS B 366 -12.90 -4.63 -4.65
N LEU B 367 -13.67 -5.01 -3.64
CA LEU B 367 -15.02 -4.48 -3.50
C LEU B 367 -15.02 -3.00 -3.07
N SER B 368 -14.18 -2.62 -2.12
CA SER B 368 -13.97 -1.18 -1.79
C SER B 368 -13.64 -0.33 -3.04
N GLY B 369 -12.73 -0.82 -3.87
CA GLY B 369 -12.38 -0.16 -5.12
C GLY B 369 -13.51 -0.10 -6.12
N LEU B 370 -14.24 -1.20 -6.26
CA LEU B 370 -15.42 -1.22 -7.13
C LEU B 370 -16.40 -0.10 -6.73
N SER B 371 -16.69 -0.02 -5.44
CA SER B 371 -17.59 0.97 -4.87
C SER B 371 -17.14 2.40 -5.15
N ILE B 372 -15.87 2.70 -4.86
CA ILE B 372 -15.27 4.00 -5.21
C ILE B 372 -15.54 4.30 -6.68
N ALA B 373 -15.20 3.37 -7.59
CA ALA B 373 -15.33 3.61 -9.03
C ALA B 373 -16.78 3.81 -9.51
N GLN B 374 -17.73 3.36 -8.70
CA GLN B 374 -19.15 3.46 -9.00
C GLN B 374 -19.75 4.80 -8.55
N HIS B 375 -19.32 5.29 -7.38
CA HIS B 375 -19.95 6.44 -6.75
C HIS B 375 -19.07 7.70 -6.70
N PHE B 376 -19.47 8.70 -7.49
CA PHE B 376 -18.95 10.05 -7.35
C PHE B 376 -19.83 10.89 -6.46
N GLY B 377 -19.18 11.61 -5.54
CA GLY B 377 -19.85 12.54 -4.60
C GLY B 377 -18.99 13.78 -4.45
N SER B 378 -19.60 14.96 -4.41
CA SER B 378 -18.86 16.22 -4.25
C SER B 378 -19.77 17.34 -3.73
N GLY B 379 -20.20 17.19 -2.48
CA GLY B 379 -21.20 18.07 -1.89
C GLY B 379 -22.56 17.75 -2.47
N ALA B 380 -23.10 18.68 -3.27
CA ALA B 380 -24.41 18.51 -3.90
C ALA B 380 -24.38 17.47 -5.03
N MET B 381 -23.36 17.52 -5.88
CA MET B 381 -23.27 16.60 -7.03
C MET B 381 -23.11 15.12 -6.61
N LEU B 382 -24.02 14.28 -7.09
CA LEU B 382 -23.93 12.83 -6.94
C LEU B 382 -24.07 12.22 -8.32
N HIS B 383 -23.21 11.25 -8.66
CA HIS B 383 -23.28 10.59 -9.95
C HIS B 383 -22.68 9.17 -9.93
N ASP B 384 -23.49 8.20 -10.32
CA ASP B 384 -23.09 6.80 -10.38
C ASP B 384 -22.77 6.34 -11.78
N VAL B 385 -21.75 5.50 -11.88
CA VAL B 385 -21.44 4.73 -13.08
C VAL B 385 -21.42 3.27 -12.64
N VAL B 386 -22.31 2.46 -13.20
CA VAL B 386 -22.38 1.05 -12.82
C VAL B 386 -22.24 0.23 -14.07
N MET B 387 -21.06 -0.34 -14.27
CA MET B 387 -20.81 -1.22 -15.40
C MET B 387 -21.53 -2.55 -15.16
N GLY B 388 -21.98 -3.16 -16.25
CA GLY B 388 -22.69 -4.42 -16.21
C GLY B 388 -24.13 -4.28 -15.74
N VAL B 389 -24.64 -5.31 -15.07
CA VAL B 389 -26.03 -5.30 -14.63
C VAL B 389 -26.20 -4.34 -13.45
N PRO B 390 -27.38 -3.68 -13.35
CA PRO B 390 -27.59 -2.67 -12.31
C PRO B 390 -27.52 -3.22 -10.88
N GLU B 391 -27.70 -4.53 -10.74
CA GLU B 391 -27.53 -5.21 -9.46
C GLU B 391 -26.08 -5.12 -8.92
N ASN B 392 -25.11 -4.86 -9.79
CA ASN B 392 -23.70 -4.74 -9.39
C ASN B 392 -23.42 -3.59 -8.42
N VAL B 393 -24.31 -2.59 -8.33
CA VAL B 393 -24.07 -1.40 -7.51
C VAL B 393 -23.90 -1.75 -6.04
N LEU B 394 -22.82 -1.28 -5.44
CA LEU B 394 -22.53 -1.57 -4.03
C LEU B 394 -22.91 -0.37 -3.16
N GLN B 395 -22.95 -0.60 -1.84
CA GLN B 395 -23.02 0.51 -0.88
C GLN B 395 -21.74 1.36 -0.96
N PRO B 396 -21.85 2.68 -0.66
CA PRO B 396 -20.66 3.50 -0.77
C PRO B 396 -19.71 3.29 0.42
N THR B 397 -18.46 3.71 0.24
CA THR B 397 -17.49 3.60 1.30
C THR B 397 -16.84 4.96 1.48
N HIS B 398 -16.46 5.28 2.71
CA HIS B 398 -15.78 6.53 3.02
C HIS B 398 -14.31 6.40 2.65
N PRO B 399 -13.80 7.26 1.75
CA PRO B 399 -12.42 7.11 1.29
C PRO B 399 -11.28 7.27 2.31
N VAL B 400 -11.57 7.79 3.50
CA VAL B 400 -10.54 8.01 4.49
C VAL B 400 -10.41 6.78 5.40
N TYR B 401 -11.54 6.22 5.81
CA TYR B 401 -11.59 5.16 6.80
C TYR B 401 -11.89 3.76 6.23
N ASN B 402 -12.42 3.74 5.01
CA ASN B 402 -12.93 2.55 4.33
C ASN B 402 -13.88 1.74 5.20
N ILE B 403 -14.83 2.47 5.79
CA ILE B 403 -16.10 1.93 6.28
C ILE B 403 -17.22 2.83 5.70
N GLY B 404 -18.46 2.37 5.77
CA GLY B 404 -19.59 3.12 5.22
C GLY B 404 -19.62 4.51 5.80
N PRO B 405 -19.83 5.54 4.95
CA PRO B 405 -19.90 6.92 5.45
C PRO B 405 -20.88 7.15 6.61
N ASP B 406 -21.94 6.35 6.63
CA ASP B 406 -22.93 6.35 7.72
C ASP B 406 -22.36 5.83 9.01
N LYS B 407 -21.44 4.88 8.93
CA LYS B 407 -20.80 4.32 10.11
C LYS B 407 -19.82 5.32 10.68
N VAL B 408 -19.16 6.07 9.80
CA VAL B 408 -18.22 7.11 10.19
C VAL B 408 -18.91 8.23 10.96
N ILE B 409 -19.82 8.93 10.25
CA ILE B 409 -20.67 9.98 10.83
C ILE B 409 -21.26 9.52 12.14
N GLN B 410 -21.95 8.40 12.10
CA GLN B 410 -22.50 7.83 13.29
C GLN B 410 -21.42 7.78 14.38
N ALA B 411 -20.33 7.04 14.13
CA ALA B 411 -19.27 6.86 15.14
C ALA B 411 -18.70 8.18 15.65
N THR B 412 -18.38 9.10 14.74
CA THR B 412 -17.75 10.36 15.14
C THR B 412 -18.70 11.12 16.05
N THR B 413 -20.01 10.99 15.75
CA THR B 413 -21.05 11.64 16.56
C THR B 413 -21.12 11.09 17.98
N HIS B 414 -21.27 9.77 18.14
CA HIS B 414 -21.34 9.16 19.50
C HIS B 414 -20.10 9.43 20.40
N PHE B 415 -18.89 9.45 19.84
CA PHE B 415 -17.69 9.71 20.66
C PHE B 415 -17.43 11.22 20.90
N LEU B 416 -18.09 12.09 20.13
CA LEU B 416 -18.08 13.52 20.42
C LEU B 416 -18.89 13.83 21.70
N GLN B 417 -19.77 12.90 22.11
CA GLN B 417 -20.47 12.99 23.38
C GLN B 417 -19.52 13.00 24.55
N LYS B 418 -18.35 12.36 24.40
CA LYS B 418 -17.40 12.25 25.49
C LYS B 418 -16.28 13.28 25.31
N PRO B 419 -15.66 13.67 26.43
CA PRO B 419 -14.52 14.58 26.32
C PRO B 419 -13.24 13.84 25.93
N VAL B 420 -12.37 14.51 25.19
CA VAL B 420 -11.03 14.02 24.88
C VAL B 420 -10.34 13.68 26.20
N PRO B 421 -9.95 12.41 26.42
CA PRO B 421 -9.48 11.98 27.75
C PRO B 421 -8.32 12.84 28.26
N GLY B 422 -8.33 13.13 29.55
CA GLY B 422 -7.56 14.24 30.09
C GLY B 422 -8.51 15.35 30.51
N PHE B 423 -9.25 15.91 29.54
CA PHE B 423 -10.34 16.84 29.85
C PHE B 423 -11.40 16.14 30.69
#